data_1LK5
#
_entry.id   1LK5
#
_cell.length_a   73.548
_cell.length_b   114.932
_cell.length_c   119.017
_cell.angle_alpha   90.00
_cell.angle_beta   90.00
_cell.angle_gamma   90.00
#
_symmetry.space_group_name_H-M   'P 21 21 21'
#
loop_
_entity.id
_entity.type
_entity.pdbx_description
1 polymer 'D-Ribose-5-Phosphate Isomerase'
2 non-polymer 'CHLORIDE ION'
3 non-polymer 'SODIUM ION'
4 water water
#
_entity_poly.entity_id   1
_entity_poly.type   'polypeptide(L)'
_entity_poly.pdbx_seq_one_letter_code
;MNVEEMKKIAAKEALKFIEDDMVIGLGTGSTTAYFIKLLGEKLKRGEISDIVGVPTSYQAKLLAIEHDIPIASLDQVDAI
DVAVDGADEVDPNLNLIKGRGAALTMEKIIEYRAGTFIVLVDERKLVDYLCQKMPVPIEVIPQAWKAIIEELSIFNAKAE
LRMGVNKDGPVITDNGNFIIDAKFPRIDDPLDMEIELNTIPGVIENGIFADIADIVIVGTREGVKKLER
;
_entity_poly.pdbx_strand_id   A,B,C,D
#
# COMPACT_ATOMS: atom_id res chain seq x y z
N MET A 1 26.11 9.93 -34.40
CA MET A 1 24.89 9.12 -34.13
C MET A 1 24.19 9.60 -32.87
N ASN A 2 22.97 9.13 -32.65
CA ASN A 2 22.12 9.73 -31.63
C ASN A 2 21.75 8.92 -30.40
N VAL A 3 21.04 9.58 -29.51
CA VAL A 3 20.74 9.04 -28.19
C VAL A 3 20.16 7.65 -28.19
N GLU A 4 19.10 7.43 -28.95
CA GLU A 4 18.46 6.13 -28.97
C GLU A 4 19.38 5.09 -29.56
N GLU A 5 20.16 5.48 -30.57
CA GLU A 5 21.17 4.59 -31.13
C GLU A 5 22.19 4.21 -30.06
N MET A 6 22.65 5.19 -29.29
CA MET A 6 23.59 4.93 -28.20
C MET A 6 23.00 3.92 -27.20
N LYS A 7 21.73 4.12 -26.84
CA LYS A 7 21.06 3.19 -25.91
C LYS A 7 21.00 1.76 -26.46
N LYS A 8 20.67 1.65 -27.74
CA LYS A 8 20.53 0.34 -28.37
C LYS A 8 21.83 -0.45 -28.43
N ILE A 9 22.94 0.23 -28.72
CA ILE A 9 24.23 -0.44 -28.82
C ILE A 9 24.71 -0.94 -27.45
N ALA A 10 24.39 -0.21 -26.38
CA ALA A 10 24.72 -0.67 -25.04
C ALA A 10 23.88 -1.90 -24.69
N ALA A 11 22.60 -1.87 -25.06
CA ALA A 11 21.68 -2.97 -24.80
C ALA A 11 22.10 -4.23 -25.55
N LYS A 12 22.59 -4.06 -26.78
CA LYS A 12 23.01 -5.20 -27.57
C LYS A 12 24.26 -5.85 -26.97
N GLU A 13 25.20 -5.01 -26.52
CA GLU A 13 26.42 -5.51 -25.90
C GLU A 13 26.09 -6.34 -24.66
N ALA A 14 25.09 -5.89 -23.90
CA ALA A 14 24.71 -6.58 -22.67
C ALA A 14 24.34 -8.06 -22.89
N LEU A 15 23.81 -8.37 -24.07
CA LEU A 15 23.47 -9.76 -24.39
C LEU A 15 24.65 -10.71 -24.27
N LYS A 16 25.87 -10.18 -24.37
CA LYS A 16 27.08 -11.00 -24.29
C LYS A 16 27.24 -11.68 -22.94
N PHE A 17 26.61 -11.11 -21.92
CA PHE A 17 26.76 -11.62 -20.57
C PHE A 17 25.66 -12.59 -20.18
N ILE A 18 24.69 -12.77 -21.06
CA ILE A 18 23.55 -13.62 -20.77
C ILE A 18 23.76 -15.03 -21.34
N GLU A 19 23.70 -16.04 -20.47
CA GLU A 19 23.86 -17.43 -20.87
C GLU A 19 22.61 -18.25 -20.51
N ASP A 20 22.46 -19.40 -21.18
CA ASP A 20 21.38 -20.33 -20.87
C ASP A 20 21.28 -20.61 -19.37
N ASP A 21 20.05 -20.85 -18.90
CA ASP A 21 19.78 -21.27 -17.53
C ASP A 21 19.93 -20.19 -16.47
N MET A 22 20.09 -18.94 -16.89
CA MET A 22 20.27 -17.84 -15.95
C MET A 22 18.96 -17.21 -15.45
N VAL A 23 19.05 -16.62 -14.25
CA VAL A 23 17.98 -15.80 -13.70
C VAL A 23 18.50 -14.37 -13.83
N ILE A 24 17.74 -13.53 -14.51
CA ILE A 24 18.21 -12.20 -14.86
C ILE A 24 17.35 -11.10 -14.25
N GLY A 25 17.97 -10.21 -13.50
CA GLY A 25 17.28 -9.03 -12.99
C GLY A 25 16.96 -8.13 -14.16
N LEU A 26 15.68 -7.81 -14.35
CA LEU A 26 15.26 -6.96 -15.46
C LEU A 26 15.01 -5.53 -15.01
N GLY A 27 15.90 -4.65 -15.45
CA GLY A 27 15.86 -3.24 -15.11
C GLY A 27 14.70 -2.47 -15.71
N THR A 28 14.63 -1.22 -15.27
CA THR A 28 13.59 -0.28 -15.61
C THR A 28 14.11 0.88 -16.45
N GLY A 29 13.26 1.37 -17.35
CA GLY A 29 13.62 2.53 -18.16
C GLY A 29 13.90 2.16 -19.60
N SER A 30 14.11 3.19 -20.42
CA SER A 30 14.18 3.02 -21.87
C SER A 30 15.42 2.30 -22.41
N THR A 31 16.57 2.46 -21.76
CA THR A 31 17.78 1.79 -22.22
C THR A 31 17.66 0.29 -22.02
N THR A 32 17.24 -0.10 -20.82
CA THR A 32 17.06 -1.50 -20.52
C THR A 32 15.89 -2.08 -21.30
N ALA A 33 14.90 -1.25 -21.65
CA ALA A 33 13.76 -1.70 -22.45
C ALA A 33 14.23 -2.30 -23.77
N TYR A 34 15.27 -1.71 -24.35
CA TYR A 34 15.87 -2.26 -25.57
C TYR A 34 16.48 -3.63 -25.29
N PHE A 35 17.14 -3.77 -24.14
CA PHE A 35 17.74 -5.05 -23.75
C PHE A 35 16.68 -6.13 -23.59
N ILE A 36 15.56 -5.77 -22.96
CA ILE A 36 14.49 -6.75 -22.74
C ILE A 36 13.90 -7.20 -24.08
N LYS A 37 13.72 -6.28 -25.01
CA LYS A 37 13.21 -6.66 -26.32
C LYS A 37 14.22 -7.59 -27.03
N LEU A 38 15.48 -7.18 -27.06
CA LEU A 38 16.52 -7.99 -27.71
C LEU A 38 16.63 -9.37 -27.07
N LEU A 39 16.45 -9.45 -25.76
CA LEU A 39 16.53 -10.72 -25.05
C LEU A 39 15.37 -11.60 -25.46
N GLY A 40 14.17 -11.02 -25.47
CA GLY A 40 12.98 -11.75 -25.83
C GLY A 40 13.08 -12.30 -27.25
N GLU A 41 13.69 -11.53 -28.13
CA GLU A 41 13.85 -11.94 -29.51
C GLU A 41 14.84 -13.08 -29.62
N LYS A 42 15.92 -13.04 -28.85
CA LYS A 42 16.92 -14.10 -28.88
C LYS A 42 16.31 -15.40 -28.35
N LEU A 43 15.43 -15.28 -27.37
CA LEU A 43 14.74 -16.42 -26.80
C LEU A 43 13.79 -17.06 -27.82
N LYS A 44 13.06 -16.21 -28.53
CA LYS A 44 12.08 -16.65 -29.53
C LYS A 44 12.75 -17.41 -30.68
N ARG A 45 13.96 -16.99 -31.04
CA ARG A 45 14.73 -17.65 -32.09
C ARG A 45 15.43 -18.93 -31.61
N GLY A 46 15.43 -19.17 -30.30
CA GLY A 46 16.02 -20.37 -29.75
C GLY A 46 17.52 -20.25 -29.56
N GLU A 47 18.04 -19.03 -29.66
CA GLU A 47 19.48 -18.78 -29.50
C GLU A 47 19.88 -18.78 -28.02
N ILE A 48 18.89 -18.78 -27.13
CA ILE A 48 19.13 -18.85 -25.70
C ILE A 48 17.96 -19.61 -25.09
N SER A 49 18.18 -20.26 -23.95
CA SER A 49 17.13 -21.07 -23.36
C SER A 49 17.14 -21.08 -21.83
N ASP A 50 15.99 -21.41 -21.26
CA ASP A 50 15.83 -21.59 -19.82
C ASP A 50 16.19 -20.34 -19.05
N ILE A 51 15.66 -19.21 -19.50
CA ILE A 51 15.89 -17.92 -18.87
C ILE A 51 14.67 -17.53 -18.08
N VAL A 52 14.88 -16.85 -16.96
CA VAL A 52 13.78 -16.36 -16.14
C VAL A 52 14.16 -14.95 -15.72
N GLY A 53 13.24 -14.01 -15.87
CA GLY A 53 13.50 -12.64 -15.53
C GLY A 53 12.86 -12.28 -14.21
N VAL A 54 13.54 -11.44 -13.43
CA VAL A 54 12.99 -10.95 -12.16
C VAL A 54 12.88 -9.43 -12.36
N PRO A 55 11.67 -8.96 -12.62
CA PRO A 55 11.43 -7.55 -12.94
C PRO A 55 11.63 -6.60 -11.75
N THR A 56 12.18 -5.42 -12.02
CA THR A 56 12.42 -4.41 -10.99
C THR A 56 11.29 -3.40 -10.91
N SER A 57 10.25 -3.57 -11.71
CA SER A 57 9.12 -2.63 -11.73
C SER A 57 7.97 -3.23 -12.51
N TYR A 58 6.81 -2.62 -12.39
CA TYR A 58 5.69 -3.04 -13.20
C TYR A 58 6.04 -2.83 -14.69
N GLN A 59 6.74 -1.75 -14.99
CA GLN A 59 7.11 -1.45 -16.38
C GLN A 59 7.94 -2.60 -16.95
N ALA A 60 8.94 -3.03 -16.20
CA ALA A 60 9.79 -4.15 -16.66
C ALA A 60 8.97 -5.42 -16.79
N LYS A 61 8.10 -5.68 -15.81
CA LYS A 61 7.30 -6.89 -15.81
C LYS A 61 6.39 -6.96 -17.04
N LEU A 62 5.65 -5.88 -17.28
CA LEU A 62 4.72 -5.85 -18.40
C LEU A 62 5.47 -6.02 -19.72
N LEU A 63 6.64 -5.39 -19.82
CA LEU A 63 7.43 -5.49 -21.03
C LEU A 63 7.91 -6.94 -21.24
N ALA A 64 8.36 -7.59 -20.17
CA ALA A 64 8.81 -8.97 -20.27
C ALA A 64 7.68 -9.91 -20.70
N ILE A 65 6.48 -9.65 -20.19
CA ILE A 65 5.31 -10.43 -20.54
C ILE A 65 4.99 -10.27 -22.02
N GLU A 66 5.06 -9.03 -22.49
CA GLU A 66 4.79 -8.72 -23.89
C GLU A 66 5.77 -9.44 -24.82
N HIS A 67 6.97 -9.70 -24.33
CA HIS A 67 8.00 -10.38 -25.12
C HIS A 67 8.17 -11.84 -24.73
N ASP A 68 7.17 -12.37 -24.05
CA ASP A 68 7.11 -13.78 -23.66
C ASP A 68 8.30 -14.32 -22.89
N ILE A 69 8.90 -13.48 -22.05
CA ILE A 69 9.99 -13.91 -21.19
C ILE A 69 9.38 -14.39 -19.88
N PRO A 70 9.68 -15.61 -19.48
CA PRO A 70 9.21 -16.10 -18.18
C PRO A 70 9.70 -15.20 -17.07
N ILE A 71 8.87 -14.96 -16.06
CA ILE A 71 9.28 -14.10 -14.97
C ILE A 71 8.96 -14.71 -13.61
N ALA A 72 9.56 -14.13 -12.58
CA ALA A 72 9.38 -14.57 -11.21
C ALA A 72 9.75 -13.41 -10.31
N SER A 73 9.21 -13.36 -9.10
CA SER A 73 9.64 -12.33 -8.15
C SER A 73 10.85 -12.89 -7.39
N LEU A 74 11.57 -12.03 -6.69
CA LEU A 74 12.79 -12.44 -6.03
C LEU A 74 12.62 -13.65 -5.10
N ASP A 75 11.54 -13.68 -4.36
CA ASP A 75 11.35 -14.76 -3.40
C ASP A 75 11.05 -16.12 -4.04
N GLN A 76 10.94 -16.13 -5.38
CA GLN A 76 10.68 -17.36 -6.13
C GLN A 76 11.95 -18.01 -6.64
N VAL A 77 13.06 -17.30 -6.59
CA VAL A 77 14.33 -17.79 -7.11
C VAL A 77 15.34 -17.90 -5.97
N ASP A 78 16.41 -18.64 -6.20
CA ASP A 78 17.42 -18.80 -5.16
C ASP A 78 18.66 -17.96 -5.45
N ALA A 79 18.76 -17.42 -6.67
CA ALA A 79 19.87 -16.53 -6.99
C ALA A 79 19.54 -15.65 -8.19
N ILE A 80 20.17 -14.48 -8.23
CA ILE A 80 20.10 -13.60 -9.39
C ILE A 80 21.49 -13.68 -10.00
N ASP A 81 21.59 -14.27 -11.18
CA ASP A 81 22.90 -14.44 -11.79
C ASP A 81 23.47 -13.12 -12.33
N VAL A 82 22.66 -12.42 -13.12
CA VAL A 82 23.02 -11.13 -13.68
C VAL A 82 21.81 -10.20 -13.61
N ALA A 83 22.05 -8.94 -13.24
CA ALA A 83 21.02 -7.92 -13.30
C ALA A 83 21.48 -6.85 -14.28
N VAL A 84 20.54 -6.39 -15.09
CA VAL A 84 20.80 -5.37 -16.10
C VAL A 84 19.83 -4.23 -15.83
N ASP A 85 20.35 -3.00 -15.74
CA ASP A 85 19.52 -1.85 -15.46
C ASP A 85 20.23 -0.58 -15.94
N GLY A 86 19.49 0.52 -15.99
CA GLY A 86 20.04 1.80 -16.37
C GLY A 86 20.44 2.64 -15.17
N ALA A 87 20.77 3.89 -15.43
CA ALA A 87 21.18 4.80 -14.39
C ALA A 87 20.97 6.23 -14.83
N ASP A 88 20.81 7.12 -13.85
CA ASP A 88 20.67 8.56 -14.08
C ASP A 88 22.05 9.24 -14.15
N GLU A 89 23.00 8.77 -13.33
CA GLU A 89 24.36 9.26 -13.33
C GLU A 89 25.31 8.11 -13.08
N VAL A 90 26.48 8.18 -13.71
CA VAL A 90 27.55 7.22 -13.46
C VAL A 90 28.85 8.02 -13.27
N ASP A 91 29.47 7.91 -12.10
CA ASP A 91 30.74 8.60 -11.86
C ASP A 91 31.90 7.66 -12.24
N PRO A 92 33.12 8.16 -12.27
CA PRO A 92 34.26 7.36 -12.74
C PRO A 92 34.61 6.15 -11.86
N ASN A 93 34.12 6.15 -10.62
CA ASN A 93 34.30 5.01 -9.73
C ASN A 93 33.12 4.04 -9.77
N LEU A 94 32.22 4.25 -10.72
CA LEU A 94 31.06 3.39 -10.93
C LEU A 94 30.03 3.51 -9.81
N ASN A 95 30.01 4.64 -9.13
CA ASN A 95 28.89 4.93 -8.23
C ASN A 95 27.79 5.53 -9.11
N LEU A 96 26.54 5.20 -8.82
CA LEU A 96 25.43 5.62 -9.65
C LEU A 96 24.42 6.41 -8.85
N ILE A 97 23.61 7.15 -9.57
CA ILE A 97 22.36 7.70 -9.04
C ILE A 97 21.30 7.06 -9.90
N LYS A 98 20.27 6.52 -9.25
CA LYS A 98 19.14 5.90 -9.93
C LYS A 98 17.86 6.36 -9.25
N GLY A 99 16.74 6.17 -9.91
CA GLY A 99 15.46 6.52 -9.33
C GLY A 99 14.61 7.53 -10.06
N ARG A 100 15.06 8.04 -11.19
CA ARG A 100 14.22 8.96 -11.94
C ARG A 100 12.88 8.33 -12.33
N GLY A 101 12.86 7.01 -12.57
CA GLY A 101 11.64 6.30 -12.89
C GLY A 101 10.84 5.87 -11.67
N ALA A 102 11.39 6.18 -10.49
CA ALA A 102 10.76 5.90 -9.18
C ALA A 102 10.76 4.45 -8.71
N ALA A 103 11.55 3.60 -9.36
CA ALA A 103 11.58 2.17 -9.05
C ALA A 103 12.86 1.74 -8.31
N LEU A 104 13.54 2.70 -7.70
CA LEU A 104 14.81 2.47 -7.06
C LEU A 104 14.80 1.41 -5.97
N THR A 105 13.68 1.24 -5.27
CA THR A 105 13.65 0.28 -4.18
C THR A 105 13.76 -1.16 -4.68
N MET A 106 12.89 -1.53 -5.61
CA MET A 106 12.90 -2.90 -6.12
C MET A 106 14.19 -3.12 -6.93
N GLU A 107 14.67 -2.05 -7.56
CA GLU A 107 15.93 -2.15 -8.32
C GLU A 107 17.08 -2.54 -7.41
N LYS A 108 17.23 -1.82 -6.28
CA LYS A 108 18.30 -2.14 -5.37
C LYS A 108 18.11 -3.49 -4.70
N ILE A 109 16.87 -3.85 -4.36
CA ILE A 109 16.59 -5.15 -3.77
C ILE A 109 17.12 -6.28 -4.66
N ILE A 110 16.85 -6.19 -5.96
CA ILE A 110 17.26 -7.25 -6.88
C ILE A 110 18.76 -7.18 -7.23
N GLU A 111 19.25 -5.98 -7.49
CA GLU A 111 20.63 -5.78 -7.92
C GLU A 111 21.64 -6.08 -6.82
N TYR A 112 21.23 -5.91 -5.56
CA TYR A 112 22.10 -6.15 -4.41
C TYR A 112 22.48 -7.62 -4.35
N ARG A 113 21.57 -8.49 -4.78
CA ARG A 113 21.78 -9.93 -4.73
C ARG A 113 22.33 -10.53 -6.02
N ALA A 114 22.61 -9.68 -7.03
CA ALA A 114 23.08 -10.16 -8.34
C ALA A 114 24.55 -10.58 -8.34
N GLY A 115 24.85 -11.69 -9.02
CA GLY A 115 26.21 -12.14 -9.18
C GLY A 115 27.01 -11.06 -9.88
N THR A 116 26.45 -10.54 -10.96
CA THR A 116 27.04 -9.43 -11.72
C THR A 116 25.97 -8.39 -12.03
N PHE A 117 26.21 -7.14 -11.64
CA PHE A 117 25.29 -6.05 -11.95
C PHE A 117 25.86 -5.23 -13.10
N ILE A 118 25.17 -5.29 -14.24
CA ILE A 118 25.54 -4.59 -15.44
C ILE A 118 24.66 -3.35 -15.67
N VAL A 119 25.31 -2.20 -15.78
CA VAL A 119 24.61 -0.95 -15.97
C VAL A 119 24.71 -0.51 -17.43
N LEU A 120 23.57 -0.14 -18.01
CA LEU A 120 23.49 0.30 -19.39
C LEU A 120 23.20 1.79 -19.49
N VAL A 121 24.08 2.54 -20.14
CA VAL A 121 23.87 3.97 -20.29
C VAL A 121 24.33 4.50 -21.64
N ASP A 122 23.79 5.64 -22.01
CA ASP A 122 24.32 6.40 -23.14
C ASP A 122 25.27 7.43 -22.53
N GLU A 123 26.05 8.07 -23.39
CA GLU A 123 27.09 9.03 -23.03
C GLU A 123 26.67 10.11 -22.01
N ARG A 124 25.44 10.59 -22.11
CA ARG A 124 24.96 11.68 -21.26
C ARG A 124 24.95 11.33 -19.77
N LYS A 125 24.88 10.04 -19.44
CA LYS A 125 24.78 9.65 -18.02
C LYS A 125 26.11 9.73 -17.27
N LEU A 126 27.23 9.75 -17.99
CA LEU A 126 28.53 9.87 -17.35
C LEU A 126 28.75 11.27 -16.75
N VAL A 127 29.17 11.29 -15.49
CA VAL A 127 29.46 12.54 -14.81
C VAL A 127 30.85 12.50 -14.18
N ASP A 128 31.37 13.68 -13.87
CA ASP A 128 32.69 13.79 -13.25
C ASP A 128 32.57 13.54 -11.76
N TYR A 129 31.39 13.82 -11.21
CA TYR A 129 31.13 13.63 -9.79
C TYR A 129 29.62 13.48 -9.60
N LEU A 130 29.20 12.70 -8.61
CA LEU A 130 27.77 12.48 -8.42
C LEU A 130 27.09 13.79 -8.06
N CYS A 131 25.93 14.00 -8.66
CA CYS A 131 25.12 15.20 -8.53
C CYS A 131 25.62 16.36 -9.39
N GLN A 132 26.52 16.07 -10.31
CA GLN A 132 26.92 17.09 -11.27
C GLN A 132 25.73 17.50 -12.11
N LYS A 133 24.85 16.53 -12.38
CA LYS A 133 23.72 16.78 -13.27
C LYS A 133 22.33 16.55 -12.67
N MET A 134 22.22 15.56 -11.78
CA MET A 134 20.92 15.09 -11.32
C MET A 134 20.81 15.04 -9.79
N PRO A 135 19.58 15.06 -9.30
CA PRO A 135 19.34 14.91 -7.87
C PRO A 135 19.29 13.44 -7.48
N VAL A 136 19.31 13.20 -6.17
CA VAL A 136 19.18 11.87 -5.65
C VAL A 136 17.72 11.61 -5.22
N PRO A 137 17.02 10.74 -5.94
CA PRO A 137 15.67 10.33 -5.52
C PRO A 137 15.73 9.56 -4.22
N ILE A 138 14.81 9.87 -3.31
CA ILE A 138 14.74 9.20 -2.03
C ILE A 138 13.29 8.81 -1.81
N GLU A 139 13.03 7.52 -1.61
CA GLU A 139 11.68 7.04 -1.38
C GLU A 139 11.43 7.07 0.11
N VAL A 140 10.30 7.63 0.50
CA VAL A 140 10.01 7.86 1.91
C VAL A 140 8.57 7.55 2.27
N ILE A 141 8.38 7.15 3.52
CA ILE A 141 7.05 6.98 4.07
C ILE A 141 6.39 8.36 3.98
N PRO A 142 5.20 8.43 3.39
CA PRO A 142 4.57 9.73 3.15
C PRO A 142 4.61 10.73 4.32
N GLN A 143 4.24 10.36 5.53
CA GLN A 143 4.17 11.39 6.59
C GLN A 143 5.54 11.93 7.03
N ALA A 144 6.63 11.30 6.59
CA ALA A 144 7.96 11.76 6.94
C ALA A 144 8.52 12.74 5.92
N TRP A 145 7.80 13.01 4.83
CA TRP A 145 8.36 13.80 3.74
C TRP A 145 8.89 15.18 4.13
N LYS A 146 8.14 15.93 4.92
CA LYS A 146 8.52 17.30 5.30
C LYS A 146 9.71 17.36 6.25
N ALA A 147 9.78 16.44 7.20
CA ALA A 147 10.89 16.41 8.14
C ALA A 147 12.17 16.01 7.43
N ILE A 148 12.05 15.07 6.51
CA ILE A 148 13.26 14.59 5.83
C ILE A 148 13.85 15.69 4.96
N ILE A 149 13.01 16.41 4.23
CA ILE A 149 13.49 17.51 3.40
C ILE A 149 14.24 18.52 4.28
N GLU A 150 13.61 18.91 5.38
CA GLU A 150 14.24 19.87 6.31
C GLU A 150 15.54 19.36 6.90
N GLU A 151 15.61 18.07 7.20
CA GLU A 151 16.80 17.53 7.80
C GLU A 151 17.97 17.51 6.83
N LEU A 152 17.65 17.35 5.55
CA LEU A 152 18.69 17.27 4.53
C LEU A 152 19.35 18.63 4.24
N SER A 153 18.79 19.70 4.80
CA SER A 153 19.36 21.03 4.63
C SER A 153 20.78 21.15 5.20
N ILE A 154 21.16 20.26 6.10
CA ILE A 154 22.53 20.28 6.63
C ILE A 154 23.54 19.99 5.52
N PHE A 155 23.10 19.31 4.46
CA PHE A 155 23.99 19.04 3.33
C PHE A 155 23.68 19.99 2.17
N ASN A 156 22.88 21.02 2.45
CA ASN A 156 22.47 21.98 1.43
C ASN A 156 21.75 21.31 0.26
N ALA A 157 21.01 20.26 0.57
CA ALA A 157 20.23 19.61 -0.47
C ALA A 157 19.07 20.55 -0.76
N LYS A 158 18.78 20.76 -2.04
CA LYS A 158 17.62 21.55 -2.38
C LYS A 158 16.64 20.42 -2.68
N ALA A 159 15.94 19.96 -1.64
CA ALA A 159 15.07 18.77 -1.76
C ALA A 159 13.63 19.17 -1.98
N GLU A 160 13.00 18.46 -2.91
CA GLU A 160 11.63 18.72 -3.29
C GLU A 160 10.83 17.45 -3.43
N LEU A 161 9.56 17.54 -3.07
CA LEU A 161 8.65 16.43 -3.21
C LEU A 161 8.27 16.29 -4.68
N ARG A 162 8.41 15.08 -5.23
CA ARG A 162 8.11 14.88 -6.63
C ARG A 162 6.60 14.85 -6.89
N MET A 163 6.12 15.68 -7.82
CA MET A 163 4.69 15.81 -8.08
C MET A 163 4.27 15.09 -9.36
N GLY A 164 3.04 14.59 -9.35
CA GLY A 164 2.54 13.85 -10.47
C GLY A 164 2.11 14.76 -11.59
N VAL A 165 2.08 14.20 -12.80
CA VAL A 165 1.53 14.86 -13.98
C VAL A 165 0.23 14.15 -14.37
N ASN A 166 0.24 12.83 -14.42
CA ASN A 166 -0.97 12.07 -14.74
C ASN A 166 -1.75 11.66 -13.49
N LYS A 167 -1.37 12.25 -12.36
CA LYS A 167 -2.21 12.29 -11.16
C LYS A 167 -1.99 13.67 -10.52
N ASP A 168 -2.93 14.13 -9.70
CA ASP A 168 -2.73 15.35 -8.94
C ASP A 168 -1.98 14.93 -7.68
N GLY A 169 -1.27 15.84 -7.04
CA GLY A 169 -0.55 15.49 -5.83
C GLY A 169 0.78 14.79 -6.11
N PRO A 170 1.42 14.32 -5.05
CA PRO A 170 2.73 13.66 -5.15
C PRO A 170 2.74 12.38 -5.98
N VAL A 171 3.85 12.12 -6.65
CA VAL A 171 4.04 10.84 -7.28
C VAL A 171 3.97 9.76 -6.20
N ILE A 172 3.26 8.66 -6.45
CA ILE A 172 3.23 7.55 -5.53
C ILE A 172 4.00 6.42 -6.19
N THR A 173 4.93 5.84 -5.45
CA THR A 173 5.71 4.71 -5.97
C THR A 173 4.88 3.46 -5.98
N ASP A 174 5.42 2.41 -6.59
CA ASP A 174 4.75 1.13 -6.61
C ASP A 174 4.51 0.57 -5.21
N ASN A 175 5.27 1.05 -4.23
CA ASN A 175 5.16 0.62 -2.85
C ASN A 175 4.27 1.55 -2.03
N GLY A 176 3.64 2.52 -2.69
CA GLY A 176 2.73 3.45 -2.02
C GLY A 176 3.39 4.60 -1.30
N ASN A 177 4.64 4.89 -1.62
CA ASN A 177 5.39 5.93 -0.93
C ASN A 177 5.60 7.17 -1.77
N PHE A 178 6.11 8.22 -1.14
CA PHE A 178 6.48 9.44 -1.84
C PHE A 178 7.96 9.37 -2.28
N ILE A 179 8.34 10.23 -3.22
CA ILE A 179 9.72 10.40 -3.63
C ILE A 179 10.11 11.84 -3.46
N ILE A 180 11.20 12.05 -2.76
CA ILE A 180 11.83 13.36 -2.63
C ILE A 180 13.05 13.34 -3.52
N ASP A 181 13.26 14.38 -4.33
CA ASP A 181 14.44 14.45 -5.14
C ASP A 181 15.34 15.47 -4.49
N ALA A 182 16.47 15.00 -3.98
CA ALA A 182 17.41 15.83 -3.23
C ALA A 182 18.56 16.29 -4.12
N LYS A 183 18.63 17.59 -4.41
CA LYS A 183 19.69 18.08 -5.27
C LYS A 183 20.86 18.55 -4.44
N PHE A 184 21.70 17.58 -4.07
CA PHE A 184 22.94 17.90 -3.38
C PHE A 184 23.82 18.65 -4.37
N PRO A 185 24.60 19.63 -3.90
CA PRO A 185 25.55 20.31 -4.79
C PRO A 185 26.64 19.34 -5.20
N ARG A 186 26.91 18.39 -4.32
CA ARG A 186 27.96 17.39 -4.51
C ARG A 186 27.82 16.33 -3.44
N ILE A 187 28.39 15.15 -3.71
CA ILE A 187 28.48 14.10 -2.72
C ILE A 187 29.88 13.53 -2.80
N ASP A 188 30.74 13.93 -1.87
CA ASP A 188 32.13 13.50 -1.95
C ASP A 188 32.43 12.09 -1.42
N ASP A 189 31.50 11.51 -0.67
CA ASP A 189 31.61 10.14 -0.17
C ASP A 189 30.25 9.44 -0.41
N PRO A 190 30.02 9.00 -1.64
CA PRO A 190 28.76 8.33 -1.99
C PRO A 190 28.37 7.14 -1.09
N LEU A 191 29.32 6.26 -0.78
CA LEU A 191 29.02 5.09 0.04
C LEU A 191 28.46 5.50 1.40
N ASP A 192 29.12 6.43 2.07
CA ASP A 192 28.64 6.81 3.39
C ASP A 192 27.44 7.71 3.34
N MET A 193 27.25 8.45 2.25
CA MET A 193 26.02 9.23 2.13
C MET A 193 24.84 8.27 1.93
N GLU A 194 25.07 7.20 1.20
CA GLU A 194 24.04 6.17 0.98
C GLU A 194 23.60 5.56 2.32
N ILE A 195 24.57 5.31 3.20
CA ILE A 195 24.31 4.77 4.52
C ILE A 195 23.57 5.81 5.34
N GLU A 196 24.11 7.02 5.37
CA GLU A 196 23.49 8.11 6.12
C GLU A 196 22.01 8.25 5.78
N LEU A 197 21.68 8.23 4.49
CA LEU A 197 20.29 8.44 4.09
C LEU A 197 19.43 7.27 4.54
N ASN A 198 19.99 6.06 4.49
CA ASN A 198 19.25 4.90 4.94
C ASN A 198 19.08 4.80 6.45
N THR A 199 19.85 5.58 7.21
CA THR A 199 19.71 5.63 8.67
C THR A 199 18.67 6.63 9.12
N ILE A 200 18.09 7.39 8.19
CA ILE A 200 17.08 8.39 8.57
C ILE A 200 15.73 7.71 8.66
N PRO A 201 15.10 7.68 9.84
CA PRO A 201 13.78 7.06 9.95
C PRO A 201 12.78 7.68 8.97
N GLY A 202 12.17 6.82 8.17
CA GLY A 202 11.24 7.27 7.15
C GLY A 202 11.75 6.99 5.76
N VAL A 203 13.06 6.85 5.60
CA VAL A 203 13.63 6.52 4.29
C VAL A 203 13.49 5.02 4.04
N ILE A 204 12.86 4.70 2.90
CA ILE A 204 12.65 3.34 2.43
C ILE A 204 13.91 2.86 1.72
N GLU A 205 14.41 3.74 0.86
CA GLU A 205 15.61 3.51 0.07
C GLU A 205 16.02 4.81 -0.58
N ASN A 206 17.28 4.91 -0.97
CA ASN A 206 17.75 6.12 -1.63
C ASN A 206 18.47 5.76 -2.94
N GLY A 207 18.53 6.73 -3.84
CA GLY A 207 19.03 6.52 -5.20
C GLY A 207 20.53 6.47 -5.39
N ILE A 208 21.31 6.58 -4.32
CA ILE A 208 22.76 6.39 -4.44
C ILE A 208 23.03 4.89 -4.48
N PHE A 209 23.66 4.43 -5.56
CA PHE A 209 24.00 3.04 -5.73
C PHE A 209 25.52 2.95 -5.75
N ALA A 210 26.13 2.90 -4.57
CA ALA A 210 27.59 2.80 -4.43
C ALA A 210 28.00 1.37 -4.15
N ASP A 211 29.16 0.98 -4.65
CA ASP A 211 29.75 -0.34 -4.35
C ASP A 211 28.78 -1.46 -4.71
N ILE A 212 28.17 -1.37 -5.88
CA ILE A 212 27.22 -2.39 -6.30
C ILE A 212 27.34 -2.72 -7.79
N ALA A 213 27.55 -1.71 -8.63
CA ALA A 213 27.70 -1.92 -10.06
C ALA A 213 29.01 -2.64 -10.33
N ASP A 214 28.97 -3.62 -11.23
CA ASP A 214 30.19 -4.37 -11.58
C ASP A 214 30.77 -3.91 -12.91
N ILE A 215 29.90 -3.71 -13.89
CA ILE A 215 30.31 -3.24 -15.21
C ILE A 215 29.34 -2.18 -15.74
N VAL A 216 29.88 -1.13 -16.35
CA VAL A 216 29.04 -0.12 -16.98
C VAL A 216 29.31 -0.16 -18.47
N ILE A 217 28.26 -0.42 -19.24
CA ILE A 217 28.35 -0.45 -20.69
C ILE A 217 27.79 0.86 -21.19
N VAL A 218 28.66 1.64 -21.85
CA VAL A 218 28.30 2.97 -22.31
C VAL A 218 28.19 3.07 -23.83
N GLY A 219 27.04 3.54 -24.29
CA GLY A 219 26.83 3.81 -25.70
C GLY A 219 27.32 5.23 -25.95
N THR A 220 28.37 5.36 -26.76
CA THR A 220 28.94 6.67 -27.09
C THR A 220 28.78 6.97 -28.56
N ARG A 221 28.98 8.22 -28.91
CA ARG A 221 28.88 8.68 -30.29
C ARG A 221 29.93 8.02 -31.19
N GLU A 222 30.84 7.26 -30.59
CA GLU A 222 31.87 6.52 -31.34
C GLU A 222 31.86 5.03 -31.05
N GLY A 223 30.73 4.52 -30.53
CA GLY A 223 30.60 3.10 -30.27
C GLY A 223 30.51 2.74 -28.80
N VAL A 224 30.67 1.45 -28.50
CA VAL A 224 30.58 0.98 -27.12
C VAL A 224 31.88 1.14 -26.36
N LYS A 225 31.74 1.58 -25.11
CA LYS A 225 32.86 1.75 -24.21
C LYS A 225 32.39 1.15 -22.89
N LYS A 226 33.34 0.66 -22.10
CA LYS A 226 33.00 0.07 -20.82
C LYS A 226 33.78 0.68 -19.67
N LEU A 227 33.26 0.49 -18.47
CA LEU A 227 33.91 0.93 -17.25
C LEU A 227 33.75 -0.22 -16.28
N GLU A 228 34.77 -0.48 -15.46
CA GLU A 228 34.70 -1.59 -14.53
C GLU A 228 35.53 -1.35 -13.28
N ARG A 229 35.15 -2.01 -12.19
CA ARG A 229 35.79 -1.80 -10.89
C ARG A 229 37.05 -2.63 -10.72
N MET B 1 2.22 -4.28 43.72
CA MET B 1 1.44 -3.99 42.48
C MET B 1 1.52 -5.15 41.50
N ASN B 2 0.37 -5.55 40.94
CA ASN B 2 0.34 -6.47 39.82
C ASN B 2 0.79 -5.80 38.51
N VAL B 3 0.89 -6.60 37.45
CA VAL B 3 1.39 -6.12 36.16
C VAL B 3 0.62 -4.95 35.57
N GLU B 4 -0.70 -5.00 35.63
CA GLU B 4 -1.50 -3.94 35.01
C GLU B 4 -1.28 -2.63 35.75
N GLU B 5 -1.21 -2.69 37.07
CA GLU B 5 -0.97 -1.50 37.88
C GLU B 5 0.43 -0.96 37.65
N MET B 6 1.37 -1.83 37.29
CA MET B 6 2.72 -1.38 37.03
C MET B 6 2.72 -0.55 35.74
N LYS B 7 1.94 -0.98 34.75
CA LYS B 7 1.85 -0.25 33.49
C LYS B 7 1.21 1.09 33.78
N LYS B 8 0.07 1.05 34.47
CA LYS B 8 -0.67 2.28 34.75
C LYS B 8 0.15 3.31 35.50
N ILE B 9 0.91 2.90 36.52
CA ILE B 9 1.71 3.86 37.27
C ILE B 9 2.81 4.52 36.43
N ALA B 10 3.35 3.80 35.45
CA ALA B 10 4.35 4.39 34.57
C ALA B 10 3.67 5.48 33.72
N ALA B 11 2.48 5.17 33.21
CA ALA B 11 1.72 6.11 32.39
C ALA B 11 1.38 7.38 33.16
N LYS B 12 1.00 7.23 34.43
CA LYS B 12 0.65 8.38 35.26
C LYS B 12 1.86 9.29 35.46
N GLU B 13 3.04 8.70 35.62
CA GLU B 13 4.23 9.50 35.79
C GLU B 13 4.60 10.29 34.52
N ALA B 14 4.34 9.70 33.36
CA ALA B 14 4.66 10.37 32.10
C ALA B 14 3.87 11.67 31.94
N LEU B 15 2.64 11.67 32.45
CA LEU B 15 1.80 12.85 32.33
C LEU B 15 2.45 14.10 32.90
N LYS B 16 3.28 13.91 33.91
CA LYS B 16 3.96 15.06 34.54
C LYS B 16 4.81 15.83 33.58
N PHE B 17 5.23 15.19 32.50
CA PHE B 17 6.07 15.82 31.50
C PHE B 17 5.29 16.56 30.43
N ILE B 18 3.97 16.46 30.49
CA ILE B 18 3.14 17.08 29.43
C ILE B 18 2.65 18.46 29.85
N GLU B 19 2.87 19.45 28.99
CA GLU B 19 2.44 20.82 29.26
C GLU B 19 1.49 21.31 28.18
N ASP B 20 0.81 22.42 28.47
CA ASP B 20 -0.09 23.02 27.51
C ASP B 20 0.68 23.32 26.23
N ASP B 21 -0.05 23.25 25.12
CA ASP B 21 0.45 23.65 23.81
C ASP B 21 1.45 22.69 23.17
N MET B 22 1.66 21.54 23.80
CA MET B 22 2.61 20.57 23.26
C MET B 22 2.04 19.71 22.14
N VAL B 23 2.94 19.24 21.29
CA VAL B 23 2.63 18.25 20.28
C VAL B 23 3.26 16.96 20.82
N ILE B 24 2.44 15.94 21.00
CA ILE B 24 2.86 14.71 21.66
C ILE B 24 2.79 13.49 20.76
N GLY B 25 3.91 12.80 20.59
CA GLY B 25 3.91 11.52 19.93
C GLY B 25 3.20 10.46 20.76
N LEU B 26 2.20 9.79 20.18
CA LEU B 26 1.41 8.81 20.89
C LEU B 26 1.79 7.39 20.49
N GLY B 27 2.47 6.71 21.40
CA GLY B 27 2.90 5.35 21.21
C GLY B 27 1.83 4.28 21.10
N THR B 28 2.33 3.08 20.86
CA THR B 28 1.53 1.92 20.58
C THR B 28 1.68 0.85 21.65
N GLY B 29 0.60 0.14 21.91
CA GLY B 29 0.63 -0.95 22.87
C GLY B 29 -0.12 -0.63 24.15
N SER B 30 -0.23 -1.65 24.99
CA SER B 30 -1.07 -1.59 26.19
C SER B 30 -0.60 -0.64 27.28
N THR B 31 0.72 -0.52 27.50
CA THR B 31 1.23 0.40 28.51
C THR B 31 0.92 1.85 28.12
N THR B 32 1.21 2.19 26.86
CA THR B 32 0.96 3.54 26.41
C THR B 32 -0.53 3.81 26.27
N ALA B 33 -1.36 2.78 26.10
CA ALA B 33 -2.79 3.00 26.01
C ALA B 33 -3.29 3.64 27.31
N TYR B 34 -2.72 3.25 28.45
CA TYR B 34 -3.09 3.86 29.72
C TYR B 34 -2.76 5.36 29.69
N PHE B 35 -1.58 5.71 29.19
CA PHE B 35 -1.17 7.11 29.05
C PHE B 35 -2.14 7.90 28.17
N ILE B 36 -2.53 7.32 27.04
CA ILE B 36 -3.44 7.99 26.12
C ILE B 36 -4.76 8.28 26.82
N LYS B 37 -5.25 7.28 27.53
CA LYS B 37 -6.52 7.43 28.24
C LYS B 37 -6.40 8.51 29.33
N LEU B 38 -5.32 8.46 30.09
CA LEU B 38 -5.12 9.43 31.18
C LEU B 38 -4.95 10.84 30.63
N LEU B 39 -4.20 10.97 29.56
CA LEU B 39 -4.05 12.25 28.89
C LEU B 39 -5.41 12.77 28.44
N GLY B 40 -6.23 11.90 27.85
CA GLY B 40 -7.55 12.29 27.40
C GLY B 40 -8.42 12.82 28.54
N GLU B 41 -8.29 12.21 29.71
CA GLU B 41 -9.10 12.64 30.85
C GLU B 41 -8.62 13.99 31.37
N LYS B 42 -7.30 14.19 31.38
CA LYS B 42 -6.74 15.46 31.80
C LYS B 42 -7.23 16.56 30.87
N LEU B 43 -7.26 16.27 29.57
CA LEU B 43 -7.72 17.24 28.59
C LEU B 43 -9.22 17.51 28.82
N LYS B 44 -9.98 16.46 29.07
CA LYS B 44 -11.43 16.59 29.26
C LYS B 44 -11.75 17.47 30.47
N ARG B 45 -10.95 17.34 31.52
CA ARG B 45 -11.14 18.09 32.76
C ARG B 45 -10.50 19.47 32.69
N GLY B 46 -9.84 19.78 31.58
CA GLY B 46 -9.22 21.07 31.40
C GLY B 46 -7.94 21.28 32.18
N GLU B 47 -7.38 20.20 32.72
CA GLU B 47 -6.15 20.25 33.49
C GLU B 47 -4.97 20.48 32.57
N ILE B 48 -5.17 20.18 31.30
CA ILE B 48 -4.19 20.51 30.28
C ILE B 48 -5.00 20.94 29.06
N SER B 49 -4.42 21.80 28.23
CA SER B 49 -5.14 22.31 27.07
C SER B 49 -4.24 22.48 25.87
N ASP B 50 -4.89 22.53 24.71
CA ASP B 50 -4.20 22.81 23.46
C ASP B 50 -3.08 21.80 23.17
N ILE B 51 -3.44 20.53 23.26
CA ILE B 51 -2.56 19.39 22.96
C ILE B 51 -2.92 18.84 21.59
N VAL B 52 -1.92 18.37 20.86
CA VAL B 52 -2.15 17.68 19.59
C VAL B 52 -1.33 16.40 19.69
N GLY B 53 -1.94 15.28 19.32
CA GLY B 53 -1.28 14.00 19.33
C GLY B 53 -0.90 13.59 17.92
N VAL B 54 0.26 12.96 17.80
CA VAL B 54 0.73 12.44 16.52
C VAL B 54 0.88 10.93 16.74
N PRO B 55 -0.05 10.16 16.21
CA PRO B 55 -0.11 8.72 16.49
C PRO B 55 0.91 7.91 15.71
N THR B 56 1.44 6.89 16.38
CA THR B 56 2.45 6.00 15.80
C THR B 56 1.85 4.75 15.19
N SER B 57 0.52 4.66 15.19
CA SER B 57 -0.19 3.50 14.67
C SER B 57 -1.67 3.80 14.56
N TYR B 58 -2.38 2.96 13.82
CA TYR B 58 -3.83 3.05 13.80
C TYR B 58 -4.37 2.81 15.21
N GLN B 59 -3.77 1.87 15.93
CA GLN B 59 -4.21 1.58 17.31
C GLN B 59 -4.20 2.86 18.15
N ALA B 60 -3.07 3.57 18.15
CA ALA B 60 -2.98 4.82 18.91
C ALA B 60 -3.93 5.90 18.37
N LYS B 61 -4.03 5.99 17.05
CA LYS B 61 -4.91 6.98 16.42
C LYS B 61 -6.35 6.78 16.84
N LEU B 62 -6.85 5.56 16.73
CA LEU B 62 -8.26 5.30 17.04
C LEU B 62 -8.54 5.48 18.52
N LEU B 63 -7.57 5.13 19.36
CA LEU B 63 -7.74 5.30 20.79
C LEU B 63 -7.83 6.78 21.15
N ALA B 64 -6.94 7.56 20.54
CA ALA B 64 -6.93 9.01 20.75
C ALA B 64 -8.23 9.65 20.30
N ILE B 65 -8.73 9.23 19.13
CA ILE B 65 -10.02 9.75 18.63
C ILE B 65 -11.15 9.42 19.61
N GLU B 66 -11.15 8.21 20.13
CA GLU B 66 -12.15 7.78 21.11
C GLU B 66 -12.12 8.64 22.37
N HIS B 67 -10.94 9.15 22.72
CA HIS B 67 -10.77 10.01 23.90
C HIS B 67 -10.64 11.50 23.57
N ASP B 68 -11.16 11.88 22.40
CA ASP B 68 -11.23 13.28 21.95
C ASP B 68 -9.93 14.08 21.99
N ILE B 69 -8.79 13.41 21.74
CA ILE B 69 -7.53 14.10 21.67
C ILE B 69 -7.33 14.48 20.20
N PRO B 70 -7.10 15.76 19.90
CA PRO B 70 -6.83 16.16 18.52
C PRO B 70 -5.63 15.39 17.98
N ILE B 71 -5.68 14.99 16.71
CA ILE B 71 -4.70 14.12 16.08
C ILE B 71 -4.17 14.79 14.83
N ALA B 72 -2.90 14.53 14.50
CA ALA B 72 -2.29 15.03 13.29
C ALA B 72 -1.17 14.09 12.85
N SER B 73 -0.90 14.04 11.54
CA SER B 73 0.25 13.29 11.00
C SER B 73 1.50 14.12 11.21
N LEU B 74 2.67 13.48 11.11
CA LEU B 74 3.92 14.19 11.39
C LEU B 74 4.11 15.42 10.50
N ASP B 75 3.71 15.31 9.24
CA ASP B 75 3.90 16.38 8.29
C ASP B 75 2.91 17.53 8.46
N GLN B 76 2.00 17.38 9.42
CA GLN B 76 1.03 18.45 9.73
C GLN B 76 1.57 19.40 10.79
N VAL B 77 2.58 18.95 11.54
CA VAL B 77 3.09 19.73 12.67
C VAL B 77 4.51 20.23 12.44
N ASP B 78 4.92 21.19 13.26
CA ASP B 78 6.23 21.80 13.08
C ASP B 78 7.26 21.14 13.98
N ALA B 79 6.80 20.43 15.01
CA ALA B 79 7.71 19.76 15.92
C ALA B 79 6.99 18.76 16.80
N ILE B 80 7.73 17.76 17.27
CA ILE B 80 7.24 16.82 18.26
C ILE B 80 7.95 17.21 19.56
N ASP B 81 7.21 17.70 20.55
CA ASP B 81 7.83 18.12 21.81
C ASP B 81 8.25 16.93 22.67
N VAL B 82 7.30 16.03 22.87
CA VAL B 82 7.53 14.85 23.68
C VAL B 82 6.88 13.65 22.98
N ALA B 83 7.55 12.51 22.97
CA ALA B 83 6.97 11.27 22.45
C ALA B 83 7.00 10.24 23.57
N VAL B 84 5.88 9.54 23.73
CA VAL B 84 5.71 8.53 24.74
C VAL B 84 5.36 7.20 24.09
N ASP B 85 6.03 6.12 24.47
CA ASP B 85 5.80 4.82 23.85
C ASP B 85 6.34 3.72 24.76
N GLY B 86 6.01 2.49 24.42
CA GLY B 86 6.45 1.32 25.17
C GLY B 86 7.67 0.69 24.54
N ALA B 87 8.01 -0.49 25.04
CA ALA B 87 9.15 -1.25 24.56
C ALA B 87 8.99 -2.71 24.90
N ASP B 88 9.62 -3.57 24.13
CA ASP B 88 9.61 -5.00 24.38
C ASP B 88 10.81 -5.40 25.26
N GLU B 89 11.94 -4.71 25.08
CA GLU B 89 13.12 -4.91 25.91
C GLU B 89 13.82 -3.59 26.13
N VAL B 90 14.44 -3.43 27.31
CA VAL B 90 15.21 -2.24 27.63
C VAL B 90 16.51 -2.71 28.32
N ASP B 91 17.65 -2.46 27.70
CA ASP B 91 18.91 -2.93 28.30
C ASP B 91 19.47 -1.88 29.26
N PRO B 92 20.56 -2.19 29.97
CA PRO B 92 21.07 -1.27 31.01
C PRO B 92 21.45 0.09 30.48
N ASN B 93 21.74 0.18 29.18
CA ASN B 93 22.09 1.43 28.55
C ASN B 93 20.89 2.16 27.91
N LEU B 94 19.69 1.64 28.17
CA LEU B 94 18.44 2.24 27.67
C LEU B 94 18.30 2.12 26.14
N ASN B 95 18.91 1.09 25.58
CA ASN B 95 18.66 0.74 24.19
C ASN B 95 17.47 -0.19 24.24
N LEU B 96 16.60 -0.12 23.23
CA LEU B 96 15.38 -0.89 23.23
C LEU B 96 15.24 -1.85 22.08
N ILE B 97 14.41 -2.88 22.29
CA ILE B 97 13.81 -3.58 21.17
C ILE B 97 12.33 -3.20 21.20
N LYS B 98 11.82 -2.80 20.04
CA LYS B 98 10.41 -2.47 19.86
C LYS B 98 9.92 -3.18 18.60
N GLY B 99 8.61 -3.20 18.40
CA GLY B 99 8.03 -3.78 17.20
C GLY B 99 7.17 -4.99 17.34
N ARG B 100 6.93 -5.47 18.57
CA ARG B 100 6.04 -6.63 18.75
C ARG B 100 4.65 -6.34 18.15
N GLY B 101 4.20 -5.10 18.25
CA GLY B 101 2.90 -4.68 17.71
C GLY B 101 2.94 -4.39 16.21
N ALA B 102 4.14 -4.49 15.62
CA ALA B 102 4.36 -4.23 14.19
C ALA B 102 4.36 -2.77 13.72
N ALA B 103 4.35 -1.81 14.64
CA ALA B 103 4.30 -0.40 14.26
C ALA B 103 5.64 0.33 14.37
N LEU B 104 6.73 -0.43 14.32
CA LEU B 104 8.07 0.13 14.51
C LEU B 104 8.48 1.24 13.54
N THR B 105 7.98 1.21 12.31
CA THR B 105 8.34 2.24 11.36
C THR B 105 7.81 3.61 11.74
N MET B 106 6.50 3.72 11.98
CA MET B 106 5.96 5.03 12.34
C MET B 106 6.44 5.47 13.72
N GLU B 107 6.62 4.49 14.61
CA GLU B 107 7.18 4.78 15.92
C GLU B 107 8.55 5.47 15.80
N LYS B 108 9.46 4.88 15.04
CA LYS B 108 10.77 5.50 14.93
C LYS B 108 10.71 6.85 14.20
N ILE B 109 9.85 6.95 13.18
CA ILE B 109 9.69 8.19 12.45
C ILE B 109 9.35 9.35 13.37
N ILE B 110 8.41 9.12 14.27
CA ILE B 110 7.93 10.15 15.18
C ILE B 110 8.90 10.36 16.35
N GLU B 111 9.39 9.28 16.93
CA GLU B 111 10.22 9.36 18.14
C GLU B 111 11.60 9.93 17.89
N TYR B 112 12.09 9.74 16.67
CA TYR B 112 13.37 10.27 16.27
C TYR B 112 13.32 11.80 16.29
N ARG B 113 12.16 12.38 16.00
CA ARG B 113 12.04 13.83 15.94
C ARG B 113 11.59 14.47 17.25
N ALA B 114 11.40 13.67 18.31
CA ALA B 114 10.93 14.20 19.60
C ALA B 114 12.01 14.93 20.40
N GLY B 115 11.65 16.07 20.96
CA GLY B 115 12.52 16.76 21.90
C GLY B 115 12.90 15.86 23.06
N THR B 116 11.91 15.17 23.61
CA THR B 116 12.15 14.15 24.63
C THR B 116 11.36 12.90 24.27
N PHE B 117 12.04 11.74 24.22
CA PHE B 117 11.41 10.45 23.99
C PHE B 117 11.31 9.70 25.32
N ILE B 118 10.10 9.55 25.81
CA ILE B 118 9.85 8.83 27.04
C ILE B 118 9.28 7.42 26.82
N VAL B 119 9.96 6.43 27.40
CA VAL B 119 9.57 5.04 27.29
C VAL B 119 8.88 4.57 28.56
N LEU B 120 7.77 3.87 28.41
CA LEU B 120 7.00 3.33 29.53
C LEU B 120 7.04 1.79 29.56
N VAL B 121 7.53 1.21 30.66
CA VAL B 121 7.59 -0.24 30.77
C VAL B 121 7.27 -0.72 32.19
N ASP B 122 6.76 -1.94 32.34
CA ASP B 122 6.61 -2.52 33.68
C ASP B 122 7.90 -3.33 33.87
N GLU B 123 8.22 -3.68 35.11
CA GLU B 123 9.43 -4.41 35.47
C GLU B 123 9.89 -5.49 34.47
N ARG B 124 8.96 -6.24 33.90
CA ARG B 124 9.30 -7.38 33.05
C ARG B 124 10.16 -7.02 31.85
N LYS B 125 10.07 -5.78 31.39
CA LYS B 125 10.75 -5.38 30.14
C LYS B 125 12.26 -5.16 30.27
N LEU B 126 12.76 -4.98 31.49
CA LEU B 126 14.19 -4.79 31.69
C LEU B 126 14.96 -6.10 31.44
N VAL B 127 16.05 -5.99 30.69
CA VAL B 127 16.87 -7.16 30.36
C VAL B 127 18.35 -6.84 30.56
N ASP B 128 19.18 -7.87 30.65
CA ASP B 128 20.61 -7.68 30.81
C ASP B 128 21.26 -7.32 29.48
N TYR B 129 20.70 -7.85 28.40
CA TYR B 129 21.20 -7.53 27.05
C TYR B 129 20.09 -7.71 26.04
N LEU B 130 20.11 -6.94 24.96
CA LEU B 130 19.07 -7.07 23.95
C LEU B 130 19.10 -8.46 23.35
N CYS B 131 17.91 -9.01 23.14
CA CYS B 131 17.67 -10.36 22.64
C CYS B 131 17.79 -11.44 23.72
N GLN B 132 17.88 -11.02 24.97
CA GLN B 132 17.85 -11.97 26.07
C GLN B 132 16.51 -12.72 26.09
N LYS B 133 15.44 -12.03 25.73
CA LYS B 133 14.10 -12.60 25.76
C LYS B 133 13.35 -12.51 24.43
N MET B 134 13.57 -11.43 23.69
CA MET B 134 12.80 -11.20 22.47
C MET B 134 13.64 -11.06 21.20
N PRO B 135 13.02 -11.37 20.07
CA PRO B 135 13.65 -11.17 18.77
C PRO B 135 13.53 -9.73 18.29
N VAL B 136 14.36 -9.37 17.33
CA VAL B 136 14.28 -8.05 16.71
C VAL B 136 13.31 -8.13 15.52
N PRO B 137 12.17 -7.44 15.58
CA PRO B 137 11.31 -7.36 14.40
C PRO B 137 11.95 -6.49 13.31
N ILE B 138 11.81 -6.92 12.06
CA ILE B 138 12.40 -6.23 10.92
C ILE B 138 11.30 -6.10 9.85
N GLU B 139 10.97 -4.87 9.49
CA GLU B 139 9.96 -4.64 8.46
C GLU B 139 10.61 -4.65 7.08
N VAL B 140 10.05 -5.47 6.19
CA VAL B 140 10.64 -5.67 4.87
C VAL B 140 9.63 -5.60 3.74
N ILE B 141 10.10 -5.09 2.61
CA ILE B 141 9.34 -5.12 1.36
C ILE B 141 9.10 -6.60 1.09
N PRO B 142 7.85 -7.01 0.89
CA PRO B 142 7.52 -8.45 0.81
C PRO B 142 8.44 -9.30 -0.06
N GLN B 143 8.68 -8.87 -1.28
CA GLN B 143 9.52 -9.60 -2.23
C GLN B 143 10.91 -10.00 -1.71
N ALA B 144 11.43 -9.24 -0.75
CA ALA B 144 12.76 -9.46 -0.22
C ALA B 144 12.83 -10.36 1.00
N TRP B 145 11.70 -10.90 1.45
CA TRP B 145 11.67 -11.59 2.73
C TRP B 145 12.61 -12.80 2.81
N LYS B 146 12.59 -13.61 1.78
CA LYS B 146 13.38 -14.83 1.78
C LYS B 146 14.88 -14.55 1.78
N ALA B 147 15.32 -13.64 0.93
CA ALA B 147 16.73 -13.27 0.82
C ALA B 147 17.25 -12.68 2.13
N ILE B 148 16.42 -11.87 2.78
CA ILE B 148 16.82 -11.26 4.04
C ILE B 148 16.97 -12.29 5.15
N ILE B 149 16.05 -13.26 5.25
CA ILE B 149 16.15 -14.32 6.24
C ILE B 149 17.47 -15.09 6.01
N GLU B 150 17.77 -15.39 4.74
CA GLU B 150 19.02 -16.10 4.44
C GLU B 150 20.24 -15.30 4.84
N GLU B 151 20.22 -14.00 4.53
CA GLU B 151 21.34 -13.13 4.84
C GLU B 151 21.55 -12.95 6.36
N LEU B 152 20.47 -12.94 7.13
CA LEU B 152 20.58 -12.80 8.58
C LEU B 152 21.23 -14.04 9.23
N SER B 153 21.11 -15.19 8.56
CA SER B 153 21.69 -16.44 9.06
C SER B 153 23.21 -16.34 9.20
N ILE B 154 23.80 -15.43 8.43
CA ILE B 154 25.23 -15.17 8.47
C ILE B 154 25.66 -14.73 9.87
N PHE B 155 24.82 -13.92 10.50
CA PHE B 155 25.08 -13.42 11.85
C PHE B 155 24.53 -14.37 12.91
N ASN B 156 24.13 -15.56 12.49
CA ASN B 156 23.56 -16.54 13.42
C ASN B 156 22.25 -16.08 14.06
N ALA B 157 21.47 -15.33 13.31
CA ALA B 157 20.14 -14.96 13.76
C ALA B 157 19.20 -16.09 13.32
N LYS B 158 18.28 -16.47 14.19
CA LYS B 158 17.26 -17.43 13.82
C LYS B 158 16.09 -16.53 13.42
N ALA B 159 15.81 -16.44 12.13
CA ALA B 159 14.80 -15.51 11.66
C ALA B 159 13.59 -16.18 11.02
N GLU B 160 12.41 -15.72 11.41
CA GLU B 160 11.15 -16.26 10.91
C GLU B 160 10.18 -15.18 10.43
N LEU B 161 9.47 -15.50 9.37
CA LEU B 161 8.42 -14.64 8.83
C LEU B 161 7.25 -14.68 9.79
N ARG B 162 6.82 -13.51 10.25
CA ARG B 162 5.74 -13.46 11.21
C ARG B 162 4.42 -13.76 10.51
N MET B 163 3.65 -14.69 11.08
CA MET B 163 2.43 -15.16 10.45
C MET B 163 1.16 -14.65 11.10
N GLY B 164 0.13 -14.47 10.28
CA GLY B 164 -1.14 -13.97 10.80
C GLY B 164 -1.94 -14.99 11.56
N VAL B 165 -2.76 -14.51 12.49
CA VAL B 165 -3.71 -15.36 13.20
C VAL B 165 -5.11 -15.01 12.71
N ASN B 166 -5.41 -13.71 12.68
CA ASN B 166 -6.70 -13.24 12.18
C ASN B 166 -6.71 -12.93 10.67
N LYS B 167 -5.64 -13.37 10.00
CA LYS B 167 -5.61 -13.51 8.56
C LYS B 167 -4.77 -14.75 8.27
N ASP B 168 -4.97 -15.34 7.10
CA ASP B 168 -4.07 -16.39 6.61
C ASP B 168 -2.85 -15.68 6.05
N GLY B 169 -1.76 -16.42 5.86
CA GLY B 169 -0.55 -15.81 5.35
C GLY B 169 0.20 -14.94 6.35
N PRO B 170 1.18 -14.22 5.85
CA PRO B 170 2.00 -13.35 6.68
C PRO B 170 1.27 -12.17 7.29
N VAL B 171 1.71 -11.73 8.46
CA VAL B 171 1.24 -10.48 9.05
C VAL B 171 1.61 -9.40 8.04
N ILE B 172 0.67 -8.48 7.79
CA ILE B 172 0.93 -7.31 6.95
C ILE B 172 0.96 -6.07 7.84
N THR B 173 1.99 -5.26 7.72
CA THR B 173 2.06 -4.03 8.51
C THR B 173 1.12 -2.97 7.95
N ASP B 174 1.00 -1.88 8.71
CA ASP B 174 0.18 -0.78 8.28
C ASP B 174 0.67 -0.22 6.93
N ASN B 175 1.94 -0.43 6.61
CA ASN B 175 2.54 0.04 5.36
C ASN B 175 2.54 -0.99 4.23
N GLY B 176 1.87 -2.12 4.44
CA GLY B 176 1.74 -3.15 3.43
C GLY B 176 2.92 -4.10 3.36
N ASN B 177 3.79 -4.06 4.36
CA ASN B 177 4.99 -4.90 4.37
C ASN B 177 4.91 -6.13 5.29
N PHE B 178 5.93 -6.98 5.17
CA PHE B 178 6.07 -8.16 6.03
C PHE B 178 6.96 -7.84 7.23
N ILE B 179 6.91 -8.70 8.25
CA ILE B 179 7.78 -8.62 9.42
C ILE B 179 8.52 -9.92 9.57
N ILE B 180 9.84 -9.83 9.68
CA ILE B 180 10.68 -10.97 10.04
C ILE B 180 11.12 -10.74 11.47
N ASP B 181 10.96 -11.74 12.33
CA ASP B 181 11.44 -11.65 13.70
C ASP B 181 12.77 -12.40 13.77
N ALA B 182 13.83 -11.67 14.07
CA ALA B 182 15.18 -12.24 14.07
C ALA B 182 15.72 -12.31 15.48
N LYS B 183 15.95 -13.54 15.93
CA LYS B 183 16.46 -13.78 17.26
C LYS B 183 17.94 -14.01 17.20
N PHE B 184 18.68 -13.01 17.66
CA PHE B 184 20.12 -13.12 17.82
C PHE B 184 20.34 -13.69 19.21
N PRO B 185 21.43 -14.42 19.40
CA PRO B 185 21.76 -14.89 20.75
C PRO B 185 21.90 -13.70 21.68
N ARG B 186 22.56 -12.65 21.18
CA ARG B 186 22.69 -11.40 21.91
C ARG B 186 23.18 -10.29 20.99
N ILE B 187 22.91 -9.05 21.37
CA ILE B 187 23.35 -7.91 20.58
C ILE B 187 24.24 -7.03 21.46
N ASP B 188 25.55 -7.21 21.33
CA ASP B 188 26.51 -6.45 22.11
C ASP B 188 26.65 -5.03 21.60
N ASP B 189 26.32 -4.79 20.33
CA ASP B 189 26.38 -3.44 19.78
C ASP B 189 25.10 -3.09 19.05
N PRO B 190 24.08 -2.74 19.81
CA PRO B 190 22.79 -2.35 19.23
C PRO B 190 22.84 -1.28 18.11
N LEU B 191 23.50 -0.14 18.33
CA LEU B 191 23.46 0.92 17.34
C LEU B 191 24.06 0.48 16.00
N ASP B 192 25.20 -0.18 16.06
CA ASP B 192 25.81 -0.68 14.83
C ASP B 192 24.96 -1.73 14.10
N MET B 193 24.30 -2.63 14.85
CA MET B 193 23.43 -3.63 14.24
C MET B 193 22.21 -2.93 13.65
N GLU B 194 21.71 -1.94 14.37
CA GLU B 194 20.55 -1.17 13.91
C GLU B 194 20.82 -0.56 12.55
N ILE B 195 22.00 0.05 12.43
CA ILE B 195 22.40 0.69 11.20
C ILE B 195 22.63 -0.36 10.12
N GLU B 196 23.38 -1.41 10.43
CA GLU B 196 23.63 -2.47 9.46
C GLU B 196 22.34 -3.01 8.87
N LEU B 197 21.36 -3.30 9.72
CA LEU B 197 20.10 -3.84 9.23
C LEU B 197 19.39 -2.88 8.28
N ASN B 198 19.35 -1.59 8.62
CA ASN B 198 18.70 -0.62 7.75
C ASN B 198 19.43 -0.44 6.41
N THR B 199 20.72 -0.76 6.35
CA THR B 199 21.43 -0.66 5.07
C THR B 199 21.19 -1.87 4.15
N ILE B 200 20.41 -2.86 4.58
CA ILE B 200 20.14 -4.00 3.69
C ILE B 200 18.99 -3.62 2.77
N PRO B 201 19.18 -3.65 1.44
CA PRO B 201 18.08 -3.31 0.53
C PRO B 201 16.88 -4.21 0.75
N GLY B 202 15.72 -3.59 1.01
CA GLY B 202 14.52 -4.33 1.32
C GLY B 202 14.12 -4.16 2.77
N VAL B 203 15.09 -3.84 3.64
CA VAL B 203 14.74 -3.56 5.02
C VAL B 203 14.33 -2.11 5.10
N ILE B 204 13.12 -1.82 5.59
CA ILE B 204 12.77 -0.41 5.70
C ILE B 204 12.88 0.13 7.11
N GLU B 205 12.83 -0.74 8.10
CA GLU B 205 13.08 -0.36 9.49
C GLU B 205 13.30 -1.61 10.33
N ASN B 206 13.97 -1.47 11.47
CA ASN B 206 14.15 -2.57 12.40
C ASN B 206 13.89 -2.13 13.83
N GLY B 207 13.60 -3.11 14.66
CA GLY B 207 13.16 -2.88 16.02
C GLY B 207 14.20 -2.50 17.04
N ILE B 208 15.47 -2.44 16.65
CA ILE B 208 16.47 -1.94 17.59
C ILE B 208 16.35 -0.42 17.65
N PHE B 209 16.02 0.10 18.84
CA PHE B 209 15.96 1.55 19.03
C PHE B 209 17.10 1.89 19.98
N ALA B 210 18.27 2.17 19.40
CA ALA B 210 19.46 2.49 20.17
C ALA B 210 19.70 3.99 20.16
N ASP B 211 20.22 4.49 21.26
CA ASP B 211 20.63 5.88 21.35
C ASP B 211 19.50 6.83 20.94
N ILE B 212 18.28 6.55 21.40
CA ILE B 212 17.14 7.39 21.08
C ILE B 212 16.27 7.70 22.31
N ALA B 213 16.06 6.75 23.19
CA ALA B 213 15.31 6.99 24.42
C ALA B 213 16.02 7.99 25.32
N ASP B 214 15.26 8.94 25.88
CA ASP B 214 15.80 9.92 26.83
C ASP B 214 15.50 9.52 28.28
N ILE B 215 14.29 9.03 28.51
CA ILE B 215 13.84 8.61 29.84
C ILE B 215 13.06 7.31 29.75
N VAL B 216 13.38 6.35 30.60
CA VAL B 216 12.60 5.13 30.72
C VAL B 216 11.96 5.13 32.09
N ILE B 217 10.64 5.12 32.10
CA ILE B 217 9.87 5.08 33.33
C ILE B 217 9.45 3.64 33.55
N VAL B 218 9.91 3.06 34.66
CA VAL B 218 9.64 1.68 34.99
C VAL B 218 8.62 1.55 36.11
N GLY B 219 7.51 0.89 35.83
CA GLY B 219 6.55 0.56 36.88
C GLY B 219 7.02 -0.73 37.53
N THR B 220 7.25 -0.67 38.84
CA THR B 220 7.73 -1.84 39.60
C THR B 220 6.66 -2.31 40.56
N ARG B 221 6.94 -3.40 41.27
CA ARG B 221 6.00 -3.90 42.26
C ARG B 221 5.73 -2.89 43.40
N GLU B 222 6.67 -1.98 43.68
CA GLU B 222 6.49 -1.03 44.79
C GLU B 222 6.20 0.43 44.40
N GLY B 223 6.51 0.81 43.16
CA GLY B 223 6.31 2.19 42.75
C GLY B 223 6.92 2.44 41.39
N VAL B 224 7.24 3.70 41.12
CA VAL B 224 7.81 4.08 39.84
C VAL B 224 9.24 4.50 39.97
N LYS B 225 10.04 4.18 38.96
CA LYS B 225 11.44 4.57 38.87
C LYS B 225 11.64 5.25 37.53
N LYS B 226 12.54 6.23 37.48
CA LYS B 226 12.89 6.90 36.22
C LYS B 226 14.34 6.66 35.93
N LEU B 227 14.63 6.11 34.76
CA LEU B 227 15.99 5.85 34.34
C LEU B 227 16.36 6.85 33.26
N GLU B 228 17.54 7.44 33.39
CA GLU B 228 18.02 8.42 32.43
C GLU B 228 19.43 8.07 31.97
N ARG B 229 19.82 8.60 30.82
CA ARG B 229 21.16 8.36 30.30
C ARG B 229 22.06 9.55 30.54
N MET C 1 -14.05 36.13 -20.36
CA MET C 1 -13.29 35.64 -19.17
C MET C 1 -12.64 34.32 -19.54
N ASN C 2 -11.30 34.27 -19.51
CA ASN C 2 -10.53 33.05 -19.74
C ASN C 2 -10.81 31.96 -18.72
N VAL C 3 -10.11 30.84 -18.88
CA VAL C 3 -10.30 29.66 -18.03
C VAL C 3 -9.92 29.84 -16.56
N GLU C 4 -8.73 30.35 -16.28
CA GLU C 4 -8.31 30.53 -14.89
C GLU C 4 -9.26 31.50 -14.18
N GLU C 5 -9.70 32.53 -14.89
CA GLU C 5 -10.63 33.49 -14.32
C GLU C 5 -11.95 32.81 -13.97
N MET C 6 -12.41 31.93 -14.85
CA MET C 6 -13.65 31.19 -14.63
C MET C 6 -13.52 30.31 -13.37
N LYS C 7 -12.38 29.65 -13.23
CA LYS C 7 -12.16 28.82 -12.05
C LYS C 7 -12.17 29.67 -10.78
N LYS C 8 -11.47 30.79 -10.84
CA LYS C 8 -11.36 31.66 -9.68
C LYS C 8 -12.71 32.19 -9.22
N ILE C 9 -13.56 32.57 -10.18
CA ILE C 9 -14.87 33.13 -9.84
C ILE C 9 -15.75 32.06 -9.17
N ALA C 10 -15.63 30.81 -9.61
CA ALA C 10 -16.37 29.71 -9.02
C ALA C 10 -15.91 29.46 -7.58
N ALA C 11 -14.59 29.45 -7.38
CA ALA C 11 -14.01 29.26 -6.05
C ALA C 11 -14.48 30.34 -5.09
N LYS C 12 -14.50 31.58 -5.55
CA LYS C 12 -14.92 32.70 -4.74
C LYS C 12 -16.37 32.58 -4.30
N GLU C 13 -17.23 32.17 -5.25
CA GLU C 13 -18.64 31.96 -4.96
C GLU C 13 -18.83 30.87 -3.90
N ALA C 14 -18.03 29.82 -3.97
CA ALA C 14 -18.15 28.72 -3.01
C ALA C 14 -17.98 29.22 -1.57
N LEU C 15 -17.11 30.20 -1.38
CA LEU C 15 -16.87 30.75 -0.04
C LEU C 15 -18.15 31.24 0.63
N LYS C 16 -19.13 31.64 -0.16
CA LYS C 16 -20.42 32.11 0.36
C LYS C 16 -21.23 31.03 1.09
N PHE C 17 -20.89 29.77 0.85
CA PHE C 17 -21.58 28.65 1.46
C PHE C 17 -20.86 28.13 2.69
N ILE C 18 -19.69 28.72 3.02
CA ILE C 18 -18.91 28.31 4.17
C ILE C 18 -19.12 29.25 5.35
N GLU C 19 -19.36 28.65 6.52
CA GLU C 19 -19.58 29.41 7.74
C GLU C 19 -18.69 28.92 8.88
N ASP C 20 -18.63 29.71 9.94
CA ASP C 20 -17.90 29.34 11.14
C ASP C 20 -18.39 27.98 11.64
N ASP C 21 -17.50 27.22 12.27
CA ASP C 21 -17.85 25.92 12.86
C ASP C 21 -18.34 24.91 11.84
N MET C 22 -17.64 24.79 10.73
CA MET C 22 -18.00 23.79 9.74
C MET C 22 -16.84 22.82 9.55
N VAL C 23 -17.20 21.59 9.20
CA VAL C 23 -16.23 20.59 8.79
C VAL C 23 -16.41 20.52 7.28
N ILE C 24 -15.33 20.81 6.54
CA ILE C 24 -15.39 20.94 5.09
C ILE C 24 -14.59 19.87 4.36
N GLY C 25 -15.24 19.12 3.49
CA GLY C 25 -14.50 18.19 2.63
C GLY C 25 -13.73 19.02 1.62
N LEU C 26 -12.41 18.78 1.54
CA LEU C 26 -11.54 19.54 0.65
C LEU C 26 -11.19 18.75 -0.61
N GLY C 27 -11.70 19.24 -1.74
CA GLY C 27 -11.49 18.62 -3.03
C GLY C 27 -10.10 18.71 -3.63
N THR C 28 -9.96 18.06 -4.77
CA THR C 28 -8.70 17.89 -5.45
C THR C 28 -8.74 18.59 -6.80
N GLY C 29 -7.62 19.14 -7.21
CA GLY C 29 -7.54 19.77 -8.52
C GLY C 29 -7.43 21.27 -8.45
N SER C 30 -7.14 21.87 -9.60
CA SER C 30 -6.84 23.28 -9.71
C SER C 30 -7.95 24.24 -9.30
N THR C 31 -9.19 23.92 -9.65
CA THR C 31 -10.29 24.83 -9.32
C THR C 31 -10.50 24.88 -7.81
N THR C 32 -10.50 23.72 -7.19
CA THR C 32 -10.68 23.67 -5.75
C THR C 32 -9.44 24.20 -5.01
N ALA C 33 -8.27 24.11 -5.63
CA ALA C 33 -7.06 24.64 -5.00
C ALA C 33 -7.22 26.14 -4.75
N TYR C 34 -7.90 26.84 -5.66
CA TYR C 34 -8.13 28.28 -5.48
C TYR C 34 -9.00 28.49 -4.24
N PHE C 35 -10.01 27.65 -4.10
CA PHE C 35 -10.90 27.71 -2.96
C PHE C 35 -10.17 27.45 -1.66
N ILE C 36 -9.28 26.46 -1.64
CA ILE C 36 -8.53 26.16 -0.42
C ILE C 36 -7.62 27.34 -0.03
N LYS C 37 -6.96 27.93 -1.02
CA LYS C 37 -6.12 29.08 -0.77
C LYS C 37 -6.92 30.26 -0.22
N LEU C 38 -8.06 30.53 -0.82
CA LEU C 38 -8.91 31.63 -0.35
C LEU C 38 -9.40 31.34 1.06
N LEU C 39 -9.77 30.08 1.31
CA LEU C 39 -10.24 29.70 2.63
C LEU C 39 -9.15 29.91 3.67
N GLY C 40 -7.92 29.57 3.29
CA GLY C 40 -6.78 29.70 4.19
C GLY C 40 -6.54 31.16 4.54
N GLU C 41 -6.69 32.01 3.54
CA GLU C 41 -6.51 33.45 3.70
C GLU C 41 -7.60 34.00 4.64
N LYS C 42 -8.84 33.59 4.44
CA LYS C 42 -9.93 34.04 5.32
C LYS C 42 -9.70 33.63 6.77
N LEU C 43 -9.21 32.43 6.98
CA LEU C 43 -8.96 31.92 8.32
C LEU C 43 -7.83 32.71 8.98
N LYS C 44 -6.76 32.95 8.24
CA LYS C 44 -5.60 33.70 8.74
C LYS C 44 -6.00 35.10 9.17
N ARG C 45 -6.82 35.75 8.35
CA ARG C 45 -7.26 37.11 8.62
C ARG C 45 -8.36 37.21 9.69
N GLY C 46 -8.94 36.07 10.05
CA GLY C 46 -9.98 36.05 11.08
C GLY C 46 -11.39 36.30 10.56
N GLU C 47 -11.59 36.13 9.27
CA GLU C 47 -12.89 36.37 8.66
C GLU C 47 -13.81 35.15 8.80
N ILE C 48 -13.21 34.01 9.13
CA ILE C 48 -13.94 32.79 9.43
C ILE C 48 -13.18 32.09 10.54
N SER C 49 -13.88 31.37 11.39
CA SER C 49 -13.25 30.66 12.49
C SER C 49 -13.77 29.24 12.67
N ASP C 50 -12.96 28.43 13.35
CA ASP C 50 -13.35 27.08 13.74
C ASP C 50 -13.72 26.22 12.54
N ILE C 51 -12.83 26.19 11.57
CA ILE C 51 -13.00 25.37 10.39
C ILE C 51 -12.03 24.19 10.47
N VAL C 52 -12.50 23.02 10.05
CA VAL C 52 -11.63 21.85 9.90
C VAL C 52 -11.85 21.30 8.50
N GLY C 53 -10.76 20.95 7.82
CA GLY C 53 -10.84 20.35 6.50
C GLY C 53 -10.62 18.84 6.53
N VAL C 54 -11.33 18.13 5.66
CA VAL C 54 -11.17 16.67 5.56
C VAL C 54 -10.73 16.45 4.13
N PRO C 55 -9.43 16.23 3.92
CA PRO C 55 -8.88 16.16 2.55
C PRO C 55 -9.20 14.90 1.75
N THR C 56 -9.49 15.10 0.46
CA THR C 56 -9.81 14.00 -0.46
C THR C 56 -8.57 13.45 -1.15
N SER C 57 -7.41 14.00 -0.83
CA SER C 57 -6.17 13.57 -1.47
C SER C 57 -4.97 14.16 -0.72
N TYR C 58 -3.78 13.63 -1.00
CA TYR C 58 -2.57 14.25 -0.46
C TYR C 58 -2.43 15.65 -1.00
N GLN C 59 -2.84 15.89 -2.25
CA GLN C 59 -2.74 17.22 -2.83
C GLN C 59 -3.49 18.22 -1.97
N ALA C 60 -4.74 17.89 -1.65
CA ALA C 60 -5.59 18.77 -0.83
C ALA C 60 -5.01 18.91 0.58
N LYS C 61 -4.58 17.79 1.15
CA LYS C 61 -4.05 17.79 2.49
C LYS C 61 -2.81 18.66 2.59
N LEU C 62 -1.87 18.49 1.68
CA LEU C 62 -0.62 19.24 1.72
C LEU C 62 -0.88 20.72 1.50
N LEU C 63 -1.81 21.04 0.60
CA LEU C 63 -2.13 22.43 0.35
C LEU C 63 -2.76 23.07 1.58
N ALA C 64 -3.68 22.35 2.23
CA ALA C 64 -4.28 22.85 3.46
C ALA C 64 -3.23 23.11 4.54
N ILE C 65 -2.27 22.19 4.67
CA ILE C 65 -1.19 22.33 5.65
C ILE C 65 -0.37 23.58 5.36
N GLU C 66 -0.03 23.78 4.09
CA GLU C 66 0.74 24.93 3.65
C GLU C 66 0.00 26.21 4.03
N HIS C 67 -1.32 26.17 3.97
CA HIS C 67 -2.15 27.34 4.26
C HIS C 67 -2.71 27.37 5.67
N ASP C 68 -2.14 26.53 6.52
CA ASP C 68 -2.49 26.50 7.95
C ASP C 68 -3.94 26.20 8.27
N ILE C 69 -4.62 25.46 7.40
CA ILE C 69 -6.00 25.04 7.67
C ILE C 69 -5.97 23.74 8.47
N PRO C 70 -6.62 23.70 9.64
CA PRO C 70 -6.72 22.46 10.41
C PRO C 70 -7.31 21.33 9.58
N ILE C 71 -6.73 20.14 9.69
CA ILE C 71 -7.08 18.99 8.87
C ILE C 71 -7.44 17.84 9.78
N ALA C 72 -8.37 16.99 9.35
CA ALA C 72 -8.74 15.80 10.10
C ALA C 72 -9.16 14.70 9.14
N SER C 73 -9.05 13.43 9.58
CA SER C 73 -9.44 12.28 8.79
C SER C 73 -10.95 12.11 8.92
N LEU C 74 -11.57 11.43 7.97
CA LEU C 74 -13.01 11.21 8.03
C LEU C 74 -13.41 10.52 9.32
N ASP C 75 -12.63 9.53 9.75
CA ASP C 75 -12.97 8.83 10.98
C ASP C 75 -12.66 9.64 12.25
N GLN C 76 -12.14 10.85 12.08
CA GLN C 76 -11.88 11.75 13.21
C GLN C 76 -13.06 12.68 13.45
N VAL C 77 -13.89 12.88 12.43
CA VAL C 77 -14.99 13.84 12.56
C VAL C 77 -16.32 13.15 12.69
N ASP C 78 -17.30 13.87 13.18
CA ASP C 78 -18.62 13.29 13.38
C ASP C 78 -19.49 13.47 12.14
N ALA C 79 -19.17 14.44 11.30
CA ALA C 79 -19.95 14.70 10.10
C ALA C 79 -19.29 15.75 9.22
N ILE C 80 -19.49 15.62 7.92
CA ILE C 80 -19.01 16.58 6.93
C ILE C 80 -20.19 17.47 6.56
N ASP C 81 -20.10 18.75 6.91
CA ASP C 81 -21.20 19.69 6.63
C ASP C 81 -21.30 20.00 5.14
N VAL C 82 -20.19 20.39 4.56
CA VAL C 82 -20.12 20.76 3.15
C VAL C 82 -18.86 20.17 2.55
N ALA C 83 -18.97 19.60 1.35
CA ALA C 83 -17.80 19.15 0.61
C ALA C 83 -17.71 19.98 -0.68
N VAL C 84 -16.51 20.44 -0.99
CA VAL C 84 -16.26 21.26 -2.16
C VAL C 84 -15.22 20.54 -3.02
N ASP C 85 -15.51 20.38 -4.29
CA ASP C 85 -14.61 19.67 -5.20
C ASP C 85 -14.91 20.06 -6.64
N GLY C 86 -14.00 19.69 -7.54
CA GLY C 86 -14.21 19.91 -8.96
C GLY C 86 -14.76 18.67 -9.66
N ALA C 87 -14.79 18.75 -10.99
CA ALA C 87 -15.32 17.66 -11.82
C ALA C 87 -14.70 17.74 -13.19
N ASP C 88 -14.64 16.61 -13.89
CA ASP C 88 -14.12 16.59 -15.24
C ASP C 88 -15.23 16.85 -16.25
N GLU C 89 -16.44 16.41 -15.90
CA GLU C 89 -17.64 16.61 -16.73
C GLU C 89 -18.85 16.74 -15.83
N VAL C 90 -19.77 17.60 -16.23
CA VAL C 90 -21.04 17.73 -15.53
C VAL C 90 -22.14 17.67 -16.60
N ASP C 91 -23.01 16.67 -16.52
CA ASP C 91 -24.09 16.53 -17.51
C ASP C 91 -25.28 17.39 -17.08
N PRO C 92 -26.29 17.52 -17.92
CA PRO C 92 -27.44 18.36 -17.58
C PRO C 92 -28.23 17.94 -16.34
N ASN C 93 -28.08 16.69 -15.87
CA ASN C 93 -28.77 16.24 -14.65
C ASN C 93 -27.85 16.35 -13.43
N LEU C 94 -26.71 17.01 -13.59
CA LEU C 94 -25.74 17.20 -12.53
C LEU C 94 -25.08 15.89 -12.10
N ASN C 95 -24.97 14.96 -13.03
CA ASN C 95 -24.17 13.75 -12.80
C ASN C 95 -22.77 14.10 -13.30
N LEU C 96 -21.75 13.58 -12.64
CA LEU C 96 -20.38 13.99 -12.95
C LEU C 96 -19.51 12.84 -13.37
N ILE C 97 -18.41 13.19 -14.06
CA ILE C 97 -17.27 12.29 -14.17
C ILE C 97 -16.14 13.00 -13.39
N LYS C 98 -15.49 12.25 -12.52
CA LYS C 98 -14.37 12.74 -11.72
C LYS C 98 -13.26 11.68 -11.78
N GLY C 99 -12.04 12.05 -11.41
CA GLY C 99 -10.93 11.10 -11.38
C GLY C 99 -9.73 11.44 -12.26
N ARG C 100 -9.79 12.52 -13.03
CA ARG C 100 -8.63 12.87 -13.85
C ARG C 100 -7.37 12.99 -12.96
N GLY C 101 -7.54 13.52 -11.75
CA GLY C 101 -6.46 13.66 -10.80
C GLY C 101 -6.11 12.39 -10.02
N ALA C 102 -6.86 11.31 -10.26
CA ALA C 102 -6.66 9.98 -9.66
C ALA C 102 -7.14 9.81 -8.21
N ALA C 103 -7.91 10.76 -7.69
CA ALA C 103 -8.31 10.72 -6.29
C ALA C 103 -9.79 10.39 -6.09
N LEU C 104 -10.41 9.80 -7.10
CA LEU C 104 -11.86 9.53 -7.08
C LEU C 104 -12.34 8.74 -5.86
N THR C 105 -11.53 7.84 -5.34
CA THR C 105 -11.98 6.98 -4.23
C THR C 105 -12.24 7.74 -2.92
N MET C 106 -11.24 8.48 -2.46
CA MET C 106 -11.40 9.26 -1.23
C MET C 106 -12.42 10.37 -1.49
N GLU C 107 -12.42 10.92 -2.70
CA GLU C 107 -13.44 11.93 -3.04
C GLU C 107 -14.85 11.41 -2.78
N LYS C 108 -15.16 10.23 -3.32
CA LYS C 108 -16.51 9.68 -3.15
C LYS C 108 -16.78 9.32 -1.69
N ILE C 109 -15.77 8.77 -1.02
CA ILE C 109 -15.89 8.42 0.39
C ILE C 109 -16.33 9.60 1.22
N ILE C 110 -15.72 10.76 0.97
CA ILE C 110 -15.99 11.97 1.75
C ILE C 110 -17.25 12.67 1.25
N GLU C 111 -17.41 12.77 -0.05
CA GLU C 111 -18.54 13.53 -0.62
C GLU C 111 -19.88 12.82 -0.41
N TYR C 112 -19.84 11.50 -0.33
CA TYR C 112 -21.02 10.68 -0.06
C TYR C 112 -21.61 10.98 1.31
N ARG C 113 -20.77 11.32 2.28
CA ARG C 113 -21.27 11.59 3.63
C ARG C 113 -21.54 13.09 3.87
N ALA C 114 -21.37 13.92 2.85
CA ALA C 114 -21.52 15.38 3.00
C ALA C 114 -22.97 15.88 3.00
N GLY C 115 -23.25 16.82 3.91
CA GLY C 115 -24.57 17.44 4.00
C GLY C 115 -24.91 18.08 2.67
N THR C 116 -23.97 18.86 2.16
CA THR C 116 -24.09 19.47 0.85
C THR C 116 -22.81 19.25 0.07
N PHE C 117 -22.95 18.74 -1.15
CA PHE C 117 -21.82 18.55 -2.05
C PHE C 117 -21.88 19.65 -3.09
N ILE C 118 -20.86 20.51 -3.06
CA ILE C 118 -20.76 21.62 -3.99
C ILE C 118 -19.63 21.38 -4.96
N VAL C 119 -19.96 21.44 -6.25
CA VAL C 119 -19.02 21.19 -7.33
C VAL C 119 -18.63 22.50 -7.99
N LEU C 120 -17.32 22.69 -8.21
CA LEU C 120 -16.79 23.90 -8.82
C LEU C 120 -16.25 23.59 -10.20
N VAL C 121 -16.80 24.24 -11.23
CA VAL C 121 -16.29 24.03 -12.56
C VAL C 121 -16.32 25.31 -13.38
N ASP C 122 -15.44 25.37 -14.36
CA ASP C 122 -15.49 26.42 -15.36
C ASP C 122 -16.38 25.87 -16.47
N GLU C 123 -16.77 26.74 -17.40
CA GLU C 123 -17.69 26.42 -18.48
C GLU C 123 -17.42 25.15 -19.31
N ARG C 124 -16.16 24.84 -19.52
CA ARG C 124 -15.77 23.73 -20.37
C ARG C 124 -16.24 22.38 -19.84
N LYS C 125 -16.51 22.32 -18.54
CA LYS C 125 -16.90 21.07 -17.88
C LYS C 125 -18.37 20.68 -18.16
N LEU C 126 -19.18 21.63 -18.59
CA LEU C 126 -20.57 21.35 -18.89
C LEU C 126 -20.65 20.54 -20.18
N VAL C 127 -21.23 19.36 -20.11
CA VAL C 127 -21.35 18.52 -21.30
C VAL C 127 -22.81 18.19 -21.58
N ASP C 128 -23.08 17.70 -22.78
CA ASP C 128 -24.41 17.26 -23.14
C ASP C 128 -24.72 15.90 -22.55
N TYR C 129 -23.67 15.11 -22.31
CA TYR C 129 -23.82 13.77 -21.74
C TYR C 129 -22.46 13.32 -21.25
N LEU C 130 -22.45 12.41 -20.30
CA LEU C 130 -21.20 11.91 -19.76
C LEU C 130 -20.47 11.06 -20.79
N CYS C 131 -19.18 11.35 -20.92
CA CYS C 131 -18.28 10.73 -21.88
C CYS C 131 -18.34 11.43 -23.23
N GLN C 132 -18.91 12.62 -23.27
CA GLN C 132 -18.88 13.41 -24.51
C GLN C 132 -17.44 13.79 -24.79
N LYS C 133 -16.68 14.09 -23.74
CA LYS C 133 -15.28 14.49 -23.93
C LYS C 133 -14.27 13.68 -23.13
N MET C 134 -14.67 13.19 -21.97
CA MET C 134 -13.73 12.53 -21.08
C MET C 134 -14.05 11.07 -20.83
N PRO C 135 -13.01 10.28 -20.58
CA PRO C 135 -13.19 8.88 -20.18
C PRO C 135 -13.59 8.79 -18.71
N VAL C 136 -14.11 7.64 -18.28
CA VAL C 136 -14.42 7.40 -16.87
C VAL C 136 -13.19 6.74 -16.22
N PRO C 137 -12.54 7.42 -15.28
CA PRO C 137 -11.45 6.80 -14.53
C PRO C 137 -11.99 5.72 -13.62
N ILE C 138 -11.29 4.59 -13.56
CA ILE C 138 -11.70 3.46 -12.75
C ILE C 138 -10.45 3.02 -11.98
N GLU C 139 -10.56 2.99 -10.66
CA GLU C 139 -9.43 2.54 -9.84
C GLU C 139 -9.51 1.03 -9.66
N VAL C 140 -8.43 0.31 -9.92
CA VAL C 140 -8.48 -1.14 -9.90
C VAL C 140 -7.29 -1.75 -9.15
N ILE C 141 -7.55 -2.88 -8.51
CA ILE C 141 -6.50 -3.68 -7.89
C ILE C 141 -5.52 -3.97 -9.03
N PRO C 142 -4.23 -3.70 -8.86
CA PRO C 142 -3.28 -3.87 -9.96
C PRO C 142 -3.35 -5.19 -10.71
N GLN C 143 -3.38 -6.33 -10.00
CA GLN C 143 -3.42 -7.64 -10.67
C GLN C 143 -4.57 -7.82 -11.64
N ALA C 144 -5.63 -7.04 -11.48
CA ALA C 144 -6.85 -7.19 -12.29
C ALA C 144 -6.92 -6.30 -13.53
N TRP C 145 -5.94 -5.45 -13.73
CA TRP C 145 -6.01 -4.42 -14.77
C TRP C 145 -6.30 -4.94 -16.18
N LYS C 146 -5.59 -6.00 -16.58
CA LYS C 146 -5.75 -6.55 -17.94
C LYS C 146 -7.10 -7.21 -18.14
N ALA C 147 -7.56 -7.95 -17.13
CA ALA C 147 -8.84 -8.63 -17.21
C ALA C 147 -9.96 -7.60 -17.29
N ILE C 148 -9.84 -6.52 -16.51
CA ILE C 148 -10.86 -5.48 -16.51
C ILE C 148 -10.88 -4.75 -17.87
N ILE C 149 -9.72 -4.47 -18.42
CA ILE C 149 -9.68 -3.85 -19.74
C ILE C 149 -10.42 -4.72 -20.75
N GLU C 150 -10.11 -6.01 -20.76
CA GLU C 150 -10.75 -6.94 -21.67
C GLU C 150 -12.25 -6.90 -21.55
N GLU C 151 -12.73 -6.94 -20.31
CA GLU C 151 -14.15 -6.95 -20.02
C GLU C 151 -14.82 -5.65 -20.46
N LEU C 152 -14.19 -4.52 -20.18
CA LEU C 152 -14.74 -3.24 -20.60
C LEU C 152 -14.80 -3.12 -22.13
N SER C 153 -13.80 -3.69 -22.80
CA SER C 153 -13.70 -3.60 -24.25
C SER C 153 -14.89 -4.29 -24.88
N ILE C 154 -15.29 -5.39 -24.28
CA ILE C 154 -16.46 -6.10 -24.75
C ILE C 154 -17.66 -5.15 -24.61
N PHE C 155 -17.68 -4.36 -23.54
CA PHE C 155 -18.76 -3.37 -23.33
C PHE C 155 -18.64 -2.17 -24.27
N ASN C 156 -17.78 -2.26 -25.28
CA ASN C 156 -17.60 -1.19 -26.28
C ASN C 156 -16.95 0.08 -25.72
N ALA C 157 -16.18 -0.06 -24.66
CA ALA C 157 -15.45 1.09 -24.14
C ALA C 157 -14.04 1.03 -24.68
N LYS C 158 -13.45 2.18 -24.90
CA LYS C 158 -12.05 2.25 -25.28
C LYS C 158 -11.37 2.43 -23.92
N ALA C 159 -10.66 1.42 -23.44
CA ALA C 159 -10.05 1.48 -22.11
C ALA C 159 -8.55 1.30 -22.13
N GLU C 160 -7.85 2.18 -21.41
CA GLU C 160 -6.40 2.14 -21.35
C GLU C 160 -5.87 2.32 -19.94
N LEU C 161 -4.76 1.64 -19.66
CA LEU C 161 -4.08 1.76 -18.37
C LEU C 161 -3.38 3.12 -18.35
N ARG C 162 -3.63 3.90 -17.31
CA ARG C 162 -3.03 5.22 -17.24
C ARG C 162 -1.56 5.13 -16.84
N MET C 163 -0.72 5.79 -17.62
CA MET C 163 0.73 5.68 -17.46
C MET C 163 1.40 6.90 -16.84
N GLY C 164 2.43 6.66 -16.07
CA GLY C 164 3.15 7.72 -15.39
C GLY C 164 4.00 8.58 -16.31
N VAL C 165 4.17 9.82 -15.91
CA VAL C 165 5.05 10.78 -16.58
C VAL C 165 6.26 11.00 -15.68
N ASN C 166 6.00 11.28 -14.41
CA ASN C 166 7.08 11.49 -13.44
C ASN C 166 7.45 10.23 -12.67
N LYS C 167 6.95 9.10 -13.18
CA LYS C 167 7.44 7.80 -12.80
C LYS C 167 7.36 6.95 -14.08
N ASP C 168 8.15 5.87 -14.14
CA ASP C 168 8.03 4.90 -15.23
C ASP C 168 6.87 3.98 -14.85
N GLY C 169 6.29 3.27 -15.83
CA GLY C 169 5.23 2.33 -15.54
C GLY C 169 3.90 3.02 -15.28
N PRO C 170 2.94 2.29 -14.73
CA PRO C 170 1.61 2.84 -14.46
C PRO C 170 1.53 3.89 -13.34
N VAL C 171 0.52 4.75 -13.47
CA VAL C 171 0.20 5.69 -12.42
C VAL C 171 -0.23 4.85 -11.23
N ILE C 172 0.22 5.22 -10.05
CA ILE C 172 -0.20 4.54 -8.83
C ILE C 172 -1.04 5.55 -8.06
N THR C 173 -2.22 5.14 -7.60
CA THR C 173 -3.04 6.07 -6.81
C THR C 173 -2.50 6.15 -5.39
N ASP C 174 -3.08 7.06 -4.62
CA ASP C 174 -2.74 7.22 -3.22
C ASP C 174 -3.00 5.95 -2.39
N ASN C 175 -3.84 5.06 -2.93
CA ASN C 175 -4.20 3.81 -2.29
C ASN C 175 -3.34 2.63 -2.81
N GLY C 176 -2.40 2.93 -3.71
CA GLY C 176 -1.51 1.91 -4.26
C GLY C 176 -2.06 1.10 -5.43
N ASN C 177 -3.11 1.61 -6.06
CA ASN C 177 -3.79 0.91 -7.16
C ASN C 177 -3.49 1.52 -8.54
N PHE C 178 -3.96 0.87 -9.58
CA PHE C 178 -3.82 1.36 -10.94
C PHE C 178 -5.09 2.12 -11.31
N ILE C 179 -5.04 2.85 -12.41
CA ILE C 179 -6.22 3.54 -12.93
C ILE C 179 -6.40 3.21 -14.41
N ILE C 180 -7.59 2.75 -14.78
CA ILE C 180 -7.94 2.50 -16.16
C ILE C 180 -8.87 3.62 -16.56
N ASP C 181 -8.57 4.28 -17.69
CA ASP C 181 -9.49 5.28 -18.20
C ASP C 181 -10.32 4.63 -19.30
N ALA C 182 -11.63 4.58 -19.09
CA ALA C 182 -12.56 3.90 -19.97
C ALA C 182 -13.49 4.90 -20.63
N LYS C 183 -13.36 5.04 -21.95
CA LYS C 183 -14.20 5.96 -22.68
C LYS C 183 -15.38 5.18 -23.24
N PHE C 184 -16.56 5.42 -22.67
CA PHE C 184 -17.77 4.80 -23.16
C PHE C 184 -18.33 5.79 -24.18
N PRO C 185 -19.19 5.33 -25.09
CA PRO C 185 -19.73 6.22 -26.14
C PRO C 185 -20.52 7.41 -25.56
N ARG C 186 -21.59 7.10 -24.84
CA ARG C 186 -22.45 8.07 -24.18
C ARG C 186 -23.19 7.32 -23.08
N ILE C 187 -23.15 7.84 -21.86
CA ILE C 187 -23.79 7.21 -20.72
C ILE C 187 -25.18 7.76 -20.46
N ASP C 188 -26.20 7.01 -20.84
CA ASP C 188 -27.57 7.47 -20.71
C ASP C 188 -28.14 7.27 -19.32
N ASP C 189 -27.58 6.34 -18.55
CA ASP C 189 -28.04 6.07 -17.18
C ASP C 189 -26.81 5.99 -16.26
N PRO C 190 -26.27 7.13 -15.89
CA PRO C 190 -25.07 7.16 -15.04
C PRO C 190 -25.15 6.40 -13.71
N LEU C 191 -26.25 6.52 -12.99
CA LEU C 191 -26.36 5.88 -11.70
C LEU C 191 -26.29 4.35 -11.78
N ASP C 192 -27.04 3.75 -12.71
CA ASP C 192 -26.97 2.28 -12.82
C ASP C 192 -25.64 1.80 -13.39
N MET C 193 -25.02 2.61 -14.24
CA MET C 193 -23.69 2.27 -14.72
C MET C 193 -22.69 2.34 -13.57
N GLU C 194 -22.85 3.35 -12.71
CA GLU C 194 -21.98 3.56 -11.56
C GLU C 194 -22.07 2.35 -10.63
N ILE C 195 -23.29 1.96 -10.30
CA ILE C 195 -23.52 0.81 -9.45
C ILE C 195 -22.97 -0.47 -10.05
N GLU C 196 -23.29 -0.76 -11.29
CA GLU C 196 -22.94 -2.06 -11.82
C GLU C 196 -21.44 -2.21 -12.15
N LEU C 197 -20.77 -1.11 -12.45
CA LEU C 197 -19.32 -1.16 -12.68
C LEU C 197 -18.61 -1.60 -11.40
N ASN C 198 -19.13 -1.18 -10.25
CA ASN C 198 -18.48 -1.51 -8.99
C ASN C 198 -18.64 -2.98 -8.61
N THR C 199 -19.50 -3.70 -9.34
CA THR C 199 -19.65 -5.12 -9.10
C THR C 199 -18.59 -5.95 -9.80
N ILE C 200 -17.76 -5.33 -10.64
CA ILE C 200 -16.71 -6.06 -11.32
C ILE C 200 -15.59 -6.32 -10.31
N PRO C 201 -15.26 -7.58 -10.04
CA PRO C 201 -14.15 -7.87 -9.12
C PRO C 201 -12.84 -7.24 -9.55
N GLY C 202 -12.25 -6.47 -8.64
CA GLY C 202 -11.02 -5.75 -8.90
C GLY C 202 -11.26 -4.26 -9.05
N VAL C 203 -12.51 -3.86 -9.31
CA VAL C 203 -12.84 -2.44 -9.40
C VAL C 203 -13.06 -1.93 -7.99
N ILE C 204 -12.25 -0.96 -7.59
CA ILE C 204 -12.28 -0.31 -6.28
C ILE C 204 -13.39 0.75 -6.26
N GLU C 205 -13.37 1.59 -7.29
CA GLU C 205 -14.32 2.69 -7.41
C GLU C 205 -14.23 3.16 -8.83
N ASN C 206 -15.29 3.80 -9.31
CA ASN C 206 -15.34 4.36 -10.65
C ASN C 206 -15.70 5.84 -10.59
N GLY C 207 -15.29 6.56 -11.64
CA GLY C 207 -15.41 7.99 -11.73
C GLY C 207 -16.78 8.60 -12.01
N ILE C 208 -17.81 7.78 -12.15
CA ILE C 208 -19.16 8.32 -12.30
C ILE C 208 -19.65 8.72 -10.92
N PHE C 209 -20.06 9.97 -10.78
CA PHE C 209 -20.61 10.45 -9.52
C PHE C 209 -22.03 10.92 -9.85
N ALA C 210 -22.99 10.00 -9.75
CA ALA C 210 -24.37 10.29 -10.04
C ALA C 210 -25.19 10.46 -8.78
N ASP C 211 -26.21 11.32 -8.86
CA ASP C 211 -27.13 11.50 -7.74
C ASP C 211 -26.43 11.84 -6.43
N ILE C 212 -25.40 12.69 -6.50
CA ILE C 212 -24.65 13.09 -5.30
C ILE C 212 -24.40 14.62 -5.23
N ALA C 213 -24.12 15.23 -6.37
CA ALA C 213 -23.89 16.68 -6.42
C ALA C 213 -25.19 17.43 -6.05
N ASP C 214 -25.07 18.42 -5.17
CA ASP C 214 -26.24 19.21 -4.78
C ASP C 214 -26.30 20.54 -5.50
N ILE C 215 -25.13 21.16 -5.65
CA ILE C 215 -25.01 22.47 -6.25
C ILE C 215 -23.79 22.45 -7.13
N VAL C 216 -23.94 22.92 -8.36
CA VAL C 216 -22.81 23.07 -9.25
C VAL C 216 -22.62 24.56 -9.48
N ILE C 217 -21.47 25.07 -9.06
CA ILE C 217 -21.13 26.47 -9.27
C ILE C 217 -20.31 26.55 -10.54
N VAL C 218 -20.85 27.25 -11.52
CA VAL C 218 -20.21 27.32 -12.83
C VAL C 218 -19.70 28.71 -13.14
N GLY C 219 -18.39 28.79 -13.33
CA GLY C 219 -17.80 30.02 -13.80
C GLY C 219 -18.02 30.00 -15.29
N THR C 220 -19.05 30.71 -15.76
CA THR C 220 -19.28 30.80 -17.20
C THR C 220 -18.40 31.89 -17.73
N ARG C 221 -18.46 32.08 -19.05
CA ARG C 221 -17.64 33.09 -19.70
C ARG C 221 -18.11 34.49 -19.34
N GLU C 222 -19.38 34.62 -18.95
CA GLU C 222 -19.90 35.92 -18.58
C GLU C 222 -20.27 36.04 -17.09
N GLY C 223 -19.75 35.14 -16.27
CA GLY C 223 -19.95 35.23 -14.83
C GLY C 223 -20.35 33.93 -14.16
N VAL C 224 -20.66 34.02 -12.86
CA VAL C 224 -21.02 32.83 -12.09
C VAL C 224 -22.50 32.51 -12.17
N LYS C 225 -22.78 31.24 -12.38
CA LYS C 225 -24.14 30.73 -12.41
C LYS C 225 -24.17 29.46 -11.59
N LYS C 226 -25.34 29.07 -11.10
CA LYS C 226 -25.45 27.87 -10.29
C LYS C 226 -26.54 26.96 -10.82
N LEU C 227 -26.29 25.66 -10.76
CA LEU C 227 -27.28 24.67 -11.09
C LEU C 227 -27.57 23.94 -9.80
N GLU C 228 -28.84 23.66 -9.55
CA GLU C 228 -29.24 22.92 -8.35
C GLU C 228 -30.27 21.87 -8.71
N ARG C 229 -30.41 20.85 -7.86
CA ARG C 229 -31.52 19.92 -8.03
C ARG C 229 -32.21 19.72 -6.69
N MET D 1 -15.24 -39.52 10.55
CA MET D 1 -13.94 -38.85 10.31
C MET D 1 -13.88 -37.48 10.95
N ASN D 2 -12.69 -37.09 11.42
CA ASN D 2 -12.45 -35.73 11.85
C ASN D 2 -12.32 -34.75 10.67
N VAL D 3 -12.21 -33.47 11.02
CA VAL D 3 -12.16 -32.39 10.05
C VAL D 3 -10.97 -32.44 9.10
N GLU D 4 -9.79 -32.76 9.61
CA GLU D 4 -8.63 -32.82 8.73
C GLU D 4 -8.82 -33.90 7.67
N GLU D 5 -9.43 -35.03 8.05
CA GLU D 5 -9.69 -36.10 7.10
C GLU D 5 -10.72 -35.68 6.06
N MET D 6 -11.71 -34.91 6.50
CA MET D 6 -12.74 -34.41 5.58
C MET D 6 -12.11 -33.47 4.57
N LYS D 7 -11.22 -32.60 5.04
CA LYS D 7 -10.55 -31.66 4.14
C LYS D 7 -9.75 -32.41 3.08
N LYS D 8 -8.95 -33.37 3.53
CA LYS D 8 -8.08 -34.13 2.62
C LYS D 8 -8.82 -34.89 1.52
N ILE D 9 -9.98 -35.46 1.83
CA ILE D 9 -10.69 -36.23 0.81
C ILE D 9 -11.34 -35.31 -0.23
N ALA D 10 -11.74 -34.11 0.20
CA ALA D 10 -12.28 -33.14 -0.75
C ALA D 10 -11.17 -32.71 -1.69
N ALA D 11 -9.99 -32.48 -1.12
CA ALA D 11 -8.83 -32.08 -1.90
C ALA D 11 -8.46 -33.15 -2.93
N LYS D 12 -8.47 -34.40 -2.52
CA LYS D 12 -8.10 -35.48 -3.43
C LYS D 12 -9.07 -35.55 -4.59
N GLU D 13 -10.36 -35.36 -4.30
CA GLU D 13 -11.38 -35.42 -5.33
C GLU D 13 -11.19 -34.29 -6.35
N ALA D 14 -10.78 -33.11 -5.87
CA ALA D 14 -10.54 -31.96 -6.76
C ALA D 14 -9.49 -32.24 -7.83
N LEU D 15 -8.38 -32.86 -7.42
CA LEU D 15 -7.29 -33.21 -8.35
C LEU D 15 -7.80 -33.83 -9.65
N LYS D 16 -8.84 -34.65 -9.55
CA LYS D 16 -9.41 -35.34 -10.70
C LYS D 16 -9.85 -34.39 -11.80
N PHE D 17 -10.26 -33.19 -11.43
CA PHE D 17 -10.70 -32.20 -12.40
C PHE D 17 -9.55 -31.48 -13.10
N ILE D 18 -8.32 -31.66 -12.63
CA ILE D 18 -7.18 -30.96 -13.22
C ILE D 18 -6.53 -31.76 -14.37
N GLU D 19 -6.31 -31.08 -15.50
CA GLU D 19 -5.74 -31.69 -16.70
C GLU D 19 -4.43 -31.02 -17.11
N ASP D 20 -3.70 -31.66 -18.01
CA ASP D 20 -2.46 -31.10 -18.54
C ASP D 20 -2.73 -29.72 -19.17
N ASP D 21 -1.72 -28.86 -19.14
CA ASP D 21 -1.78 -27.54 -19.77
C ASP D 21 -2.77 -26.55 -19.16
N MET D 22 -3.32 -26.86 -17.99
CA MET D 22 -4.28 -25.95 -17.36
C MET D 22 -3.62 -24.82 -16.60
N VAL D 23 -4.34 -23.70 -16.51
CA VAL D 23 -3.96 -22.59 -15.65
C VAL D 23 -4.95 -22.69 -14.51
N ILE D 24 -4.43 -22.80 -13.29
CA ILE D 24 -5.28 -23.04 -12.13
C ILE D 24 -5.22 -21.93 -11.08
N GLY D 25 -6.36 -21.40 -10.69
CA GLY D 25 -6.39 -20.41 -9.62
C GLY D 25 -6.15 -21.16 -8.32
N LEU D 26 -5.17 -20.73 -7.54
CA LEU D 26 -4.84 -21.43 -6.30
C LEU D 26 -5.41 -20.73 -5.08
N GLY D 27 -6.45 -21.33 -4.51
CA GLY D 27 -7.10 -20.80 -3.32
C GLY D 27 -6.27 -20.69 -2.05
N THR D 28 -6.90 -20.08 -1.06
CA THR D 28 -6.29 -19.78 0.22
C THR D 28 -6.95 -20.57 1.33
N GLY D 29 -6.17 -20.98 2.34
CA GLY D 29 -6.72 -21.67 3.49
C GLY D 29 -6.26 -23.12 3.60
N SER D 30 -6.57 -23.76 4.72
CA SER D 30 -6.09 -25.12 4.97
C SER D 30 -6.62 -26.22 4.02
N THR D 31 -7.90 -26.17 3.66
CA THR D 31 -8.46 -27.19 2.79
C THR D 31 -7.78 -27.17 1.44
N THR D 32 -7.68 -26.00 0.83
CA THR D 32 -7.03 -25.91 -0.46
C THR D 32 -5.54 -26.21 -0.33
N ALA D 33 -4.97 -25.94 0.84
CA ALA D 33 -3.55 -26.22 1.05
C ALA D 33 -3.25 -27.70 0.78
N TYR D 34 -4.16 -28.58 1.19
CA TYR D 34 -4.02 -30.00 0.89
C TYR D 34 -4.01 -30.24 -0.62
N PHE D 35 -4.91 -29.57 -1.34
CA PHE D 35 -5.01 -29.69 -2.80
C PHE D 35 -3.69 -29.30 -3.46
N ILE D 36 -3.18 -28.14 -3.06
CA ILE D 36 -1.94 -27.61 -3.60
C ILE D 36 -0.79 -28.60 -3.39
N LYS D 37 -0.76 -29.20 -2.20
CA LYS D 37 0.23 -30.20 -1.84
C LYS D 37 0.15 -31.39 -2.79
N LEU D 38 -1.05 -31.93 -2.93
CA LEU D 38 -1.30 -33.09 -3.75
C LEU D 38 -0.96 -32.81 -5.20
N LEU D 39 -1.32 -31.61 -5.66
CA LEU D 39 -1.06 -31.18 -7.02
C LEU D 39 0.44 -31.13 -7.26
N GLY D 40 1.17 -30.62 -6.28
CA GLY D 40 2.61 -30.55 -6.36
C GLY D 40 3.24 -31.93 -6.46
N GLU D 41 2.67 -32.87 -5.71
CA GLU D 41 3.18 -34.24 -5.69
C GLU D 41 2.90 -34.97 -6.99
N LYS D 42 1.72 -34.75 -7.55
CA LYS D 42 1.34 -35.36 -8.81
C LYS D 42 2.25 -34.85 -9.93
N LEU D 43 2.48 -33.54 -9.92
CA LEU D 43 3.34 -32.90 -10.91
C LEU D 43 4.76 -33.46 -10.84
N LYS D 44 5.23 -33.71 -9.62
CA LYS D 44 6.58 -34.21 -9.41
C LYS D 44 6.73 -35.65 -9.91
N ARG D 45 5.68 -36.46 -9.72
CA ARG D 45 5.68 -37.84 -10.21
C ARG D 45 5.51 -37.93 -11.72
N GLY D 46 5.37 -36.79 -12.40
CA GLY D 46 5.18 -36.77 -13.83
C GLY D 46 3.78 -37.17 -14.28
N GLU D 47 2.87 -37.35 -13.33
CA GLU D 47 1.49 -37.75 -13.62
C GLU D 47 0.66 -36.67 -14.30
N ILE D 48 1.18 -35.44 -14.29
CA ILE D 48 0.51 -34.30 -14.92
C ILE D 48 1.59 -33.31 -15.32
N SER D 49 1.34 -32.52 -16.37
CA SER D 49 2.34 -31.57 -16.82
C SER D 49 1.78 -30.27 -17.39
N ASP D 50 2.67 -29.31 -17.56
CA ASP D 50 2.35 -28.00 -18.10
C ASP D 50 1.24 -27.32 -17.32
N ILE D 51 1.36 -27.37 -16.00
CA ILE D 51 0.41 -26.70 -15.12
C ILE D 51 1.02 -25.41 -14.64
N VAL D 52 0.19 -24.38 -14.55
CA VAL D 52 0.59 -23.07 -14.02
C VAL D 52 -0.45 -22.63 -13.02
N GLY D 53 0.01 -22.18 -11.84
CA GLY D 53 -0.90 -21.72 -10.80
C GLY D 53 -0.94 -20.21 -10.72
N VAL D 54 -2.11 -19.66 -10.40
CA VAL D 54 -2.28 -18.22 -10.19
C VAL D 54 -2.78 -18.07 -8.75
N PRO D 55 -1.90 -17.67 -7.85
CA PRO D 55 -2.24 -17.61 -6.41
C PRO D 55 -3.20 -16.49 -6.02
N THR D 56 -4.09 -16.80 -5.09
CA THR D 56 -5.04 -15.84 -4.56
C THR D 56 -4.57 -15.11 -3.31
N SER D 57 -3.34 -15.41 -2.87
CA SER D 57 -2.79 -14.78 -1.68
C SER D 57 -1.32 -15.10 -1.58
N TYR D 58 -0.61 -14.41 -0.68
CA TYR D 58 0.78 -14.74 -0.42
C TYR D 58 0.91 -16.17 0.11
N GLN D 59 -0.04 -16.58 0.95
CA GLN D 59 -0.05 -17.94 1.51
C GLN D 59 -0.07 -18.97 0.40
N ALA D 60 -1.00 -18.82 -0.54
CA ALA D 60 -1.09 -19.75 -1.65
C ALA D 60 0.18 -19.70 -2.51
N LYS D 61 0.68 -18.49 -2.76
CA LYS D 61 1.91 -18.36 -3.57
C LYS D 61 3.07 -19.06 -2.87
N LEU D 62 3.28 -18.77 -1.59
CA LEU D 62 4.41 -19.36 -0.88
C LEU D 62 4.32 -20.89 -0.84
N LEU D 63 3.11 -21.42 -0.68
CA LEU D 63 2.92 -22.86 -0.66
C LEU D 63 3.23 -23.48 -2.03
N ALA D 64 2.80 -22.80 -3.09
CA ALA D 64 3.04 -23.29 -4.45
C ALA D 64 4.54 -23.33 -4.73
N ILE D 65 5.24 -22.28 -4.34
CA ILE D 65 6.69 -22.22 -4.52
C ILE D 65 7.35 -23.38 -3.79
N GLU D 66 6.92 -23.65 -2.57
CA GLU D 66 7.49 -24.73 -1.77
C GLU D 66 7.27 -26.10 -2.41
N HIS D 67 6.22 -26.21 -3.22
CA HIS D 67 5.88 -27.47 -3.87
C HIS D 67 6.23 -27.46 -5.35
N ASP D 68 7.08 -26.51 -5.72
CA ASP D 68 7.61 -26.39 -7.08
C ASP D 68 6.55 -26.33 -8.19
N ILE D 69 5.42 -25.69 -7.90
CA ILE D 69 4.40 -25.50 -8.91
C ILE D 69 4.69 -24.17 -9.56
N PRO D 70 4.85 -24.14 -10.89
CA PRO D 70 5.10 -22.87 -11.58
C PRO D 70 3.92 -21.94 -11.35
N ILE D 71 4.20 -20.65 -11.22
CA ILE D 71 3.13 -19.72 -10.94
C ILE D 71 3.24 -18.47 -11.79
N ALA D 72 2.12 -17.75 -11.86
CA ALA D 72 2.02 -16.52 -12.63
C ALA D 72 0.94 -15.61 -12.06
N SER D 73 1.01 -14.31 -12.36
CA SER D 73 -0.02 -13.37 -11.92
C SER D 73 -1.14 -13.41 -12.93
N LEU D 74 -2.31 -12.91 -12.54
CA LEU D 74 -3.46 -12.91 -13.46
C LEU D 74 -3.16 -12.17 -14.76
N ASP D 75 -2.39 -11.08 -14.69
CA ASP D 75 -2.09 -10.32 -15.90
C ASP D 75 -1.08 -10.99 -16.82
N GLN D 76 -0.54 -12.12 -16.38
CA GLN D 76 0.41 -12.89 -17.18
C GLN D 76 -0.31 -13.95 -18.02
N VAL D 77 -1.53 -14.29 -17.66
CA VAL D 77 -2.23 -15.37 -18.38
C VAL D 77 -3.43 -14.87 -19.18
N ASP D 78 -3.85 -15.69 -20.15
CA ASP D 78 -4.98 -15.32 -20.99
C ASP D 78 -6.29 -15.91 -20.49
N ALA D 79 -6.21 -16.86 -19.56
CA ALA D 79 -7.40 -17.46 -18.99
C ALA D 79 -7.10 -18.29 -17.74
N ILE D 80 -8.10 -18.41 -16.87
CA ILE D 80 -8.05 -19.28 -15.72
C ILE D 80 -8.97 -20.46 -16.07
N ASP D 81 -8.43 -21.65 -16.25
CA ASP D 81 -9.28 -22.78 -16.64
C ASP D 81 -10.14 -23.27 -15.47
N VAL D 82 -9.49 -23.44 -14.33
CA VAL D 82 -10.15 -23.93 -13.15
C VAL D 82 -9.63 -23.15 -11.98
N ALA D 83 -10.51 -22.77 -11.06
CA ALA D 83 -10.06 -22.16 -9.82
C ALA D 83 -10.54 -23.05 -8.68
N VAL D 84 -9.65 -23.32 -7.73
CA VAL D 84 -9.97 -24.17 -6.59
C VAL D 84 -9.74 -23.33 -5.34
N ASP D 85 -10.71 -23.34 -4.43
CA ASP D 85 -10.61 -22.53 -3.22
C ASP D 85 -11.60 -23.09 -2.19
N GLY D 86 -11.45 -22.63 -0.94
CA GLY D 86 -12.34 -23.00 0.14
C GLY D 86 -13.45 -21.98 0.37
N ALA D 87 -14.17 -22.17 1.46
CA ALA D 87 -15.25 -21.26 1.83
C ALA D 87 -15.55 -21.36 3.33
N ASP D 88 -16.14 -20.30 3.87
CA ASP D 88 -16.50 -20.25 5.28
C ASP D 88 -17.92 -20.76 5.46
N GLU D 89 -18.74 -20.58 4.42
CA GLU D 89 -20.13 -21.04 4.41
C GLU D 89 -20.54 -21.36 2.99
N VAL D 90 -21.39 -22.38 2.84
CA VAL D 90 -21.94 -22.74 1.55
C VAL D 90 -23.43 -22.97 1.80
N ASP D 91 -24.29 -22.20 1.13
CA ASP D 91 -25.72 -22.37 1.30
C ASP D 91 -26.27 -23.38 0.28
N PRO D 92 -27.53 -23.77 0.40
CA PRO D 92 -28.12 -24.78 -0.50
C PRO D 92 -28.12 -24.43 -1.99
N ASN D 93 -28.03 -23.13 -2.32
CA ASN D 93 -27.96 -22.73 -3.72
C ASN D 93 -26.52 -22.49 -4.17
N LEU D 94 -25.59 -22.91 -3.32
CA LEU D 94 -24.17 -22.84 -3.57
C LEU D 94 -23.65 -21.40 -3.59
N ASN D 95 -24.30 -20.52 -2.85
CA ASN D 95 -23.76 -19.19 -2.62
C ASN D 95 -22.83 -19.34 -1.44
N LEU D 96 -21.76 -18.55 -1.41
CA LEU D 96 -20.75 -18.71 -0.37
C LEU D 96 -20.50 -17.44 0.43
N ILE D 97 -19.90 -17.64 1.59
CA ILE D 97 -19.27 -16.55 2.30
C ILE D 97 -17.79 -16.96 2.34
N LYS D 98 -16.92 -16.03 1.96
CA LYS D 98 -15.48 -16.25 2.02
C LYS D 98 -14.85 -15.06 2.71
N GLY D 99 -13.58 -15.18 3.08
CA GLY D 99 -12.85 -14.06 3.63
C GLY D 99 -12.34 -14.15 5.05
N ARG D 100 -12.58 -15.27 5.72
CA ARG D 100 -12.01 -15.46 7.07
C ARG D 100 -10.50 -15.27 7.04
N GLY D 101 -9.87 -15.71 5.95
CA GLY D 101 -8.44 -15.59 5.78
C GLY D 101 -8.01 -14.23 5.27
N ALA D 102 -8.97 -13.33 5.05
CA ALA D 102 -8.73 -11.95 4.59
C ALA D 102 -8.29 -11.78 3.14
N ALA D 103 -8.33 -12.84 2.34
CA ALA D 103 -7.86 -12.80 0.96
C ALA D 103 -9.00 -12.72 -0.07
N LEU D 104 -10.17 -12.30 0.37
CA LEU D 104 -11.36 -12.30 -0.49
C LEU D 104 -11.27 -11.50 -1.79
N THR D 105 -10.48 -10.44 -1.81
CA THR D 105 -10.44 -9.60 -2.99
C THR D 105 -9.74 -10.30 -4.15
N MET D 106 -8.55 -10.82 -3.90
CA MET D 106 -7.83 -11.52 -4.95
C MET D 106 -8.53 -12.83 -5.31
N GLU D 107 -9.20 -13.42 -4.34
CA GLU D 107 -9.96 -14.64 -4.57
C GLU D 107 -11.06 -14.39 -5.60
N LYS D 108 -11.88 -13.37 -5.38
CA LYS D 108 -12.97 -13.07 -6.31
C LYS D 108 -12.42 -12.64 -7.67
N ILE D 109 -11.34 -11.87 -7.67
CA ILE D 109 -10.74 -11.43 -8.93
C ILE D 109 -10.39 -12.61 -9.82
N ILE D 110 -9.77 -13.62 -9.24
CA ILE D 110 -9.33 -14.78 -10.00
C ILE D 110 -10.49 -15.74 -10.29
N GLU D 111 -11.39 -15.91 -9.33
CA GLU D 111 -12.46 -16.90 -9.46
C GLU D 111 -13.59 -16.44 -10.38
N TYR D 112 -13.79 -15.12 -10.46
CA TYR D 112 -14.77 -14.50 -11.33
C TYR D 112 -14.48 -14.83 -12.79
N ARG D 113 -13.20 -14.97 -13.12
CA ARG D 113 -12.76 -15.22 -14.49
C ARG D 113 -12.52 -16.72 -14.80
N ALA D 114 -12.79 -17.61 -13.84
CA ALA D 114 -12.48 -19.02 -14.03
C ALA D 114 -13.50 -19.76 -14.87
N GLY D 115 -13.02 -20.63 -15.75
CA GLY D 115 -13.91 -21.47 -16.56
C GLY D 115 -14.80 -22.31 -15.67
N THR D 116 -14.21 -22.92 -14.65
CA THR D 116 -14.93 -23.65 -13.62
C THR D 116 -14.37 -23.29 -12.24
N PHE D 117 -15.25 -22.93 -11.31
CA PHE D 117 -14.84 -22.61 -9.95
C PHE D 117 -15.27 -23.76 -9.04
N ILE D 118 -14.28 -24.47 -8.52
CA ILE D 118 -14.51 -25.60 -7.61
C ILE D 118 -14.23 -25.21 -6.17
N VAL D 119 -15.23 -25.37 -5.31
CA VAL D 119 -15.09 -25.04 -3.89
C VAL D 119 -14.87 -26.32 -3.08
N LEU D 120 -13.87 -26.30 -2.21
CA LEU D 120 -13.56 -27.43 -1.33
C LEU D 120 -13.92 -27.11 0.12
N VAL D 121 -14.78 -27.91 0.74
CA VAL D 121 -15.13 -27.68 2.14
C VAL D 121 -15.34 -28.98 2.90
N ASP D 122 -15.19 -28.90 4.22
CA ASP D 122 -15.62 -30.01 5.07
C ASP D 122 -17.04 -29.70 5.52
N GLU D 123 -17.64 -30.72 6.12
CA GLU D 123 -18.98 -30.72 6.65
C GLU D 123 -19.48 -29.46 7.35
N ARG D 124 -18.62 -28.86 8.16
CA ARG D 124 -19.00 -27.71 8.97
C ARG D 124 -19.42 -26.49 8.16
N LYS D 125 -18.92 -26.41 6.92
CA LYS D 125 -19.15 -25.25 6.06
C LYS D 125 -20.55 -25.14 5.47
N LEU D 126 -21.26 -26.26 5.36
CA LEU D 126 -22.62 -26.24 4.82
C LEU D 126 -23.57 -25.54 5.76
N VAL D 127 -24.39 -24.64 5.22
CA VAL D 127 -25.38 -23.93 6.04
C VAL D 127 -26.76 -23.93 5.38
N ASP D 128 -27.77 -23.66 6.19
CA ASP D 128 -29.13 -23.58 5.71
C ASP D 128 -29.32 -22.25 4.99
N TYR D 129 -28.62 -21.24 5.47
CA TYR D 129 -28.65 -19.91 4.86
C TYR D 129 -27.39 -19.16 5.23
N LEU D 130 -26.98 -18.22 4.37
CA LEU D 130 -25.78 -17.44 4.65
C LEU D 130 -25.93 -16.62 5.93
N CYS D 131 -24.86 -16.65 6.74
CA CYS D 131 -24.77 -15.99 8.04
C CYS D 131 -25.38 -16.83 9.18
N GLN D 132 -25.68 -18.08 8.89
CA GLN D 132 -26.11 -19.01 9.93
C GLN D 132 -25.02 -19.13 10.99
N LYS D 133 -23.77 -19.22 10.56
CA LYS D 133 -22.67 -19.36 11.52
C LYS D 133 -21.54 -18.34 11.43
N MET D 134 -21.36 -17.68 10.29
CA MET D 134 -20.25 -16.76 10.10
C MET D 134 -20.68 -15.39 9.57
N PRO D 135 -19.89 -14.36 9.87
CA PRO D 135 -20.16 -13.02 9.38
C PRO D 135 -19.66 -12.86 7.96
N VAL D 136 -20.04 -11.78 7.29
CA VAL D 136 -19.51 -11.43 5.98
C VAL D 136 -18.30 -10.50 6.13
N PRO D 137 -17.10 -10.93 5.74
CA PRO D 137 -15.96 -10.02 5.75
C PRO D 137 -16.11 -8.97 4.67
N ILE D 138 -15.80 -7.73 4.99
CA ILE D 138 -15.87 -6.63 4.05
C ILE D 138 -14.54 -5.89 4.10
N GLU D 139 -13.84 -5.85 2.98
CA GLU D 139 -12.58 -5.14 2.89
C GLU D 139 -12.84 -3.68 2.55
N VAL D 140 -12.26 -2.80 3.36
CA VAL D 140 -12.51 -1.38 3.24
C VAL D 140 -11.25 -0.48 3.30
N ILE D 141 -11.32 0.63 2.58
CA ILE D 141 -10.30 1.68 2.62
C ILE D 141 -10.25 2.11 4.08
N PRO D 142 -9.07 2.10 4.70
CA PRO D 142 -9.01 2.39 6.15
C PRO D 142 -9.80 3.61 6.63
N GLN D 143 -9.66 4.76 5.98
CA GLN D 143 -10.30 5.98 6.45
C GLN D 143 -11.83 5.90 6.51
N ALA D 144 -12.42 4.95 5.80
CA ALA D 144 -13.87 4.85 5.72
C ALA D 144 -14.48 3.88 6.72
N TRP D 145 -13.65 3.28 7.56
CA TRP D 145 -14.12 2.18 8.37
C TRP D 145 -15.26 2.56 9.31
N LYS D 146 -15.17 3.71 9.97
CA LYS D 146 -16.19 4.09 10.94
C LYS D 146 -17.50 4.41 10.27
N ALA D 147 -17.42 5.13 9.15
CA ALA D 147 -18.62 5.51 8.42
C ALA D 147 -19.35 4.28 7.92
N ILE D 148 -18.60 3.28 7.45
CA ILE D 148 -19.21 2.09 6.91
C ILE D 148 -19.89 1.24 7.98
N ILE D 149 -19.26 1.10 9.15
CA ILE D 149 -19.90 0.35 10.23
C ILE D 149 -21.21 1.02 10.60
N GLU D 150 -21.20 2.34 10.67
CA GLU D 150 -22.41 3.05 11.08
C GLU D 150 -23.50 2.83 10.04
N GLU D 151 -23.13 2.91 8.77
CA GLU D 151 -24.08 2.71 7.68
C GLU D 151 -24.65 1.30 7.62
N LEU D 152 -23.90 0.31 8.08
CA LEU D 152 -24.36 -1.07 8.09
C LEU D 152 -25.50 -1.33 9.09
N SER D 153 -25.78 -0.37 9.96
CA SER D 153 -26.85 -0.53 10.94
C SER D 153 -28.23 -0.69 10.30
N ILE D 154 -28.41 -0.14 9.10
CA ILE D 154 -29.71 -0.25 8.42
C ILE D 154 -30.01 -1.68 7.98
N PHE D 155 -29.04 -2.57 8.14
CA PHE D 155 -29.23 -3.97 7.82
C PHE D 155 -29.33 -4.74 9.14
N ASN D 156 -29.30 -4.01 10.25
CA ASN D 156 -29.30 -4.63 11.57
C ASN D 156 -28.13 -5.57 11.70
N ALA D 157 -27.03 -5.22 11.03
CA ALA D 157 -25.85 -6.04 11.07
C ALA D 157 -25.08 -5.69 12.32
N LYS D 158 -24.47 -6.69 12.92
CA LYS D 158 -23.56 -6.46 14.01
C LYS D 158 -22.25 -6.40 13.26
N ALA D 159 -21.63 -5.22 13.18
CA ALA D 159 -20.40 -5.07 12.40
C ALA D 159 -19.24 -4.65 13.29
N GLU D 160 -18.10 -5.32 13.15
CA GLU D 160 -16.92 -5.00 13.94
C GLU D 160 -15.63 -4.98 13.11
N LEU D 161 -14.75 -4.05 13.45
CA LEU D 161 -13.46 -3.97 12.80
C LEU D 161 -12.63 -5.17 13.27
N ARG D 162 -12.04 -5.89 12.32
CA ARG D 162 -11.26 -7.07 12.66
C ARG D 162 -9.87 -6.65 13.17
N MET D 163 -9.52 -7.19 14.33
CA MET D 163 -8.30 -6.80 15.04
C MET D 163 -7.17 -7.82 14.95
N GLY D 164 -5.95 -7.32 14.90
CA GLY D 164 -4.79 -8.18 14.82
C GLY D 164 -4.47 -8.89 16.12
N VAL D 165 -3.79 -10.03 15.98
CA VAL D 165 -3.29 -10.77 17.14
C VAL D 165 -1.78 -10.69 17.13
N ASN D 166 -1.18 -10.92 15.97
CA ASN D 166 0.25 -10.81 15.84
C ASN D 166 0.69 -9.44 15.33
N LYS D 167 -0.23 -8.47 15.42
CA LYS D 167 0.08 -7.06 15.35
C LYS D 167 -0.90 -6.37 16.29
N ASP D 168 -0.55 -5.18 16.77
CA ASP D 168 -1.51 -4.33 17.47
C ASP D 168 -2.36 -3.67 16.41
N GLY D 169 -3.50 -3.11 16.80
CA GLY D 169 -4.37 -2.46 15.85
C GLY D 169 -5.13 -3.40 14.93
N PRO D 170 -5.75 -2.85 13.89
CA PRO D 170 -6.55 -3.65 12.95
C PRO D 170 -5.74 -4.58 12.06
N VAL D 171 -6.35 -5.69 11.68
CA VAL D 171 -5.77 -6.58 10.69
C VAL D 171 -5.63 -5.77 9.42
N ILE D 172 -4.51 -5.92 8.75
CA ILE D 172 -4.27 -5.28 7.46
C ILE D 172 -4.26 -6.38 6.41
N THR D 173 -5.02 -6.19 5.33
CA THR D 173 -5.01 -7.16 4.25
C THR D 173 -3.78 -6.98 3.40
N ASP D 174 -3.57 -7.92 2.49
CA ASP D 174 -2.46 -7.89 1.57
C ASP D 174 -2.49 -6.64 0.68
N ASN D 175 -3.66 -6.02 0.56
CA ASN D 175 -3.84 -4.78 -0.21
C ASN D 175 -3.76 -3.51 0.67
N GLY D 176 -3.47 -3.67 1.95
CA GLY D 176 -3.26 -2.55 2.84
C GLY D 176 -4.52 -1.98 3.47
N ASN D 177 -5.60 -2.74 3.36
CA ASN D 177 -6.92 -2.33 3.82
C ASN D 177 -7.35 -2.97 5.12
N PHE D 178 -8.42 -2.45 5.69
CA PHE D 178 -9.02 -3.00 6.90
C PHE D 178 -10.11 -4.02 6.50
N ILE D 179 -10.52 -4.83 7.47
CA ILE D 179 -11.63 -5.76 7.30
C ILE D 179 -12.67 -5.49 8.40
N ILE D 180 -13.92 -5.34 7.99
CA ILE D 180 -15.05 -5.28 8.89
C ILE D 180 -15.80 -6.60 8.71
N ASP D 181 -16.08 -7.29 9.81
CA ASP D 181 -16.85 -8.52 9.75
C ASP D 181 -18.25 -8.13 10.17
N ALA D 182 -19.20 -8.37 9.28
CA ALA D 182 -20.58 -7.96 9.48
C ALA D 182 -21.45 -9.19 9.63
N LYS D 183 -22.07 -9.33 10.80
CA LYS D 183 -22.95 -10.47 11.03
C LYS D 183 -24.39 -10.02 10.79
N PHE D 184 -24.93 -10.43 9.64
CA PHE D 184 -26.31 -10.12 9.29
C PHE D 184 -27.18 -11.22 9.89
N PRO D 185 -28.44 -10.91 10.17
CA PRO D 185 -29.36 -11.90 10.74
C PRO D 185 -29.33 -13.15 9.87
N ARG D 186 -29.60 -12.94 8.59
CA ARG D 186 -29.48 -13.98 7.57
C ARG D 186 -29.56 -13.23 6.25
N ILE D 187 -29.00 -13.82 5.20
CA ILE D 187 -29.05 -13.19 3.88
C ILE D 187 -29.93 -14.01 2.93
N ASP D 188 -31.12 -13.50 2.64
CA ASP D 188 -32.08 -14.21 1.79
C ASP D 188 -31.77 -14.02 0.31
N ASP D 189 -31.18 -12.88 -0.03
CA ASP D 189 -30.86 -12.54 -1.42
C ASP D 189 -29.36 -12.26 -1.51
N PRO D 190 -28.54 -13.29 -1.49
CA PRO D 190 -27.08 -13.11 -1.49
C PRO D 190 -26.56 -12.23 -2.64
N LEU D 191 -26.93 -12.49 -3.89
CA LEU D 191 -26.41 -11.65 -4.98
C LEU D 191 -26.78 -10.18 -4.80
N ASP D 192 -28.03 -9.89 -4.47
CA ASP D 192 -28.43 -8.50 -4.26
C ASP D 192 -27.61 -7.84 -3.17
N MET D 193 -27.36 -8.56 -2.08
CA MET D 193 -26.60 -8.00 -0.96
C MET D 193 -25.15 -7.80 -1.37
N GLU D 194 -24.63 -8.73 -2.14
CA GLU D 194 -23.26 -8.65 -2.65
C GLU D 194 -23.08 -7.37 -3.45
N ILE D 195 -24.08 -7.04 -4.28
CA ILE D 195 -24.04 -5.84 -5.09
C ILE D 195 -24.14 -4.59 -4.23
N GLU D 196 -25.11 -4.58 -3.33
CA GLU D 196 -25.35 -3.42 -2.47
C GLU D 196 -24.11 -3.02 -1.67
N LEU D 197 -23.46 -4.00 -1.05
CA LEU D 197 -22.29 -3.70 -0.24
C LEU D 197 -21.17 -3.08 -1.10
N ASN D 198 -20.98 -3.55 -2.31
CA ASN D 198 -19.94 -2.95 -3.15
C ASN D 198 -20.27 -1.54 -3.64
N THR D 199 -21.53 -1.12 -3.55
CA THR D 199 -21.90 0.25 -3.90
C THR D 199 -21.56 1.26 -2.80
N ILE D 200 -21.20 0.77 -1.61
CA ILE D 200 -20.87 1.69 -0.52
C ILE D 200 -19.46 2.23 -0.77
N PRO D 201 -19.31 3.55 -0.88
CA PRO D 201 -18.00 4.18 -1.07
C PRO D 201 -17.04 3.78 0.04
N GLY D 202 -15.89 3.23 -0.34
CA GLY D 202 -14.92 2.75 0.63
C GLY D 202 -14.88 1.22 0.70
N VAL D 203 -15.94 0.54 0.26
CA VAL D 203 -15.92 -0.91 0.25
C VAL D 203 -15.19 -1.37 -1.01
N ILE D 204 -14.12 -2.12 -0.81
CA ILE D 204 -13.26 -2.66 -1.86
C ILE D 204 -13.90 -3.92 -2.45
N GLU D 205 -14.39 -4.77 -1.55
CA GLU D 205 -14.97 -6.06 -1.93
C GLU D 205 -15.63 -6.64 -0.68
N ASN D 206 -16.57 -7.55 -0.87
CA ASN D 206 -17.19 -8.24 0.26
C ASN D 206 -17.18 -9.74 0.08
N GLY D 207 -17.35 -10.44 1.20
CA GLY D 207 -17.22 -11.89 1.26
C GLY D 207 -18.35 -12.74 0.72
N ILE D 208 -19.46 -12.12 0.29
CA ILE D 208 -20.50 -12.90 -0.38
C ILE D 208 -20.04 -13.26 -1.78
N PHE D 209 -20.09 -14.55 -2.09
CA PHE D 209 -19.74 -15.04 -3.43
C PHE D 209 -20.98 -15.77 -3.96
N ALA D 210 -21.85 -15.02 -4.59
CA ALA D 210 -23.08 -15.55 -5.16
C ALA D 210 -22.93 -15.79 -6.65
N ASP D 211 -23.65 -16.80 -7.14
CA ASP D 211 -23.70 -17.10 -8.57
C ASP D 211 -22.31 -17.11 -9.20
N ILE D 212 -21.38 -17.78 -8.54
CA ILE D 212 -20.02 -17.90 -9.03
C ILE D 212 -19.46 -19.33 -8.91
N ALA D 213 -19.73 -20.02 -7.81
CA ALA D 213 -19.27 -21.40 -7.67
C ALA D 213 -20.01 -22.32 -8.64
N ASP D 214 -19.26 -23.21 -9.28
CA ASP D 214 -19.83 -24.19 -10.22
C ASP D 214 -20.04 -25.57 -9.59
N ILE D 215 -19.04 -26.00 -8.82
CA ILE D 215 -19.06 -27.29 -8.13
C ILE D 215 -18.57 -27.12 -6.69
N VAL D 216 -19.26 -27.75 -5.76
CA VAL D 216 -18.81 -27.74 -4.38
C VAL D 216 -18.56 -29.18 -3.99
N ILE D 217 -17.33 -29.45 -3.58
CA ILE D 217 -16.92 -30.77 -3.13
C ILE D 217 -16.90 -30.74 -1.63
N VAL D 218 -17.69 -31.61 -1.02
CA VAL D 218 -17.82 -31.65 0.42
C VAL D 218 -17.28 -32.93 0.99
N GLY D 219 -16.32 -32.80 1.90
CA GLY D 219 -15.82 -33.94 2.66
C GLY D 219 -16.76 -34.12 3.83
N THR D 220 -17.37 -35.29 3.98
CA THR D 220 -18.27 -35.54 5.10
C THR D 220 -17.82 -36.76 5.89
N ARG D 221 -18.53 -37.04 6.98
CA ARG D 221 -18.24 -38.21 7.79
C ARG D 221 -18.57 -39.51 7.05
N GLU D 222 -19.32 -39.41 5.95
CA GLU D 222 -19.69 -40.60 5.19
C GLU D 222 -19.12 -40.60 3.77
N GLY D 223 -18.08 -39.80 3.55
CA GLY D 223 -17.42 -39.76 2.27
C GLY D 223 -17.62 -38.44 1.55
N VAL D 224 -17.09 -38.38 0.33
CA VAL D 224 -17.20 -37.17 -0.48
C VAL D 224 -18.58 -37.02 -1.09
N LYS D 225 -18.99 -35.76 -1.23
CA LYS D 225 -20.26 -35.43 -1.85
C LYS D 225 -19.97 -34.29 -2.82
N LYS D 226 -20.55 -34.36 -4.03
CA LYS D 226 -20.35 -33.33 -5.04
C LYS D 226 -21.64 -32.61 -5.40
N LEU D 227 -21.73 -31.34 -5.00
CA LEU D 227 -22.89 -30.50 -5.33
C LEU D 227 -22.59 -29.63 -6.54
N GLU D 228 -23.57 -29.53 -7.44
CA GLU D 228 -23.38 -28.77 -8.68
C GLU D 228 -24.59 -27.92 -9.01
N ARG D 229 -24.36 -26.83 -9.72
CA ARG D 229 -25.43 -25.90 -10.10
C ARG D 229 -26.27 -26.49 -11.22
#